data_7Q72
#
_entry.id   7Q72
#
_cell.length_a   128.644
_cell.length_b   151.337
_cell.length_c   65.408
_cell.angle_alpha   90.000
_cell.angle_beta   90.000
_cell.angle_gamma   90.000
#
_symmetry.space_group_name_H-M   'P 21 21 2'
#
loop_
_entity.id
_entity.type
_entity.pdbx_description
1 polymer 'Poly(A) polymerase pla1'
2 polymer 'NURS complex subunit red1'
3 water water
#
loop_
_entity_poly.entity_id
_entity_poly.type
_entity_poly.pdbx_seq_one_letter_code
_entity_poly.pdbx_strand_id
1 'polypeptide(L)'
;MKHHHHHHPMTTKQWGITPPISTAPATEQENALNTALINELKNQNLFESPAESEKRVKVLDELQQITTEFVKKVSLAKHM
NEKMANEAGGKIFTYGSYRLGVYGPGSDIDTLVVVPKHVSRDNFFQDLEPMLREREEVTDLAAVPDAYVPIIKFKFLGIS
IDLIFARLSVPRVPRDLELSDNNLLKGVEERCVLSLNGTRVTDQILQLVPNRAVFKHALRAIKFWAQRRAIYANVVGFPG
GVAWAMMVARICQLYPNAVSSVIVAKFFRILHQWNWPQPILLKPIEDGPLQVRIWNPKLYPSDKAHRMPIITPAYPSMCA
THNITLSTQTIILREMVRAGEIADQIMVKALPWSALFQKHDFFHRYKHYLTITAAAKTAEAQLKWAGLVESKLRHLVTRL
ELVDAIALAHPFNKGFDKVYNCSSEEEAQQVASGVTLEVAYESTDHEKLANDTVNEEKADNTESKADGSENGEKQIFPVY
TTTCYIGLELEKKKGHPIKRLDISWPTQEFYELCKKWDKYDDTLMNVFIKNTKNTALPDEVFEPGEERPKATKKRSTADT
AHSTEQLKRQKVSTA
;
A,B
2 'polypeptide(L)' GAMGISLPLLKQDDWLSSSKPFGSSTPNVVIEFDSDDDGDDFSNSKIEQSNLEKPPSNSENGGSHHHHHH C,D
#
# COMPACT_ATOMS: atom_id res chain seq x y z
N THR A 11 21.59 2.60 33.46
CA THR A 11 22.98 2.41 33.07
C THR A 11 23.69 3.75 32.91
N THR A 12 24.54 3.85 31.90
CA THR A 12 25.29 5.08 31.63
C THR A 12 24.49 6.13 30.89
N LYS A 13 23.21 5.87 30.62
CA LYS A 13 22.35 6.79 29.88
C LYS A 13 21.13 7.15 30.72
N GLN A 14 20.76 8.43 30.69
CA GLN A 14 19.57 8.92 31.38
C GLN A 14 18.79 9.77 30.38
N TRP A 15 17.72 9.20 29.83
CA TRP A 15 16.88 9.88 28.87
C TRP A 15 15.57 10.31 29.53
N GLY A 16 15.06 11.46 29.09
CA GLY A 16 13.85 12.00 29.67
C GLY A 16 14.12 12.70 30.99
N ILE A 17 13.03 13.14 31.62
CA ILE A 17 13.12 13.84 32.90
C ILE A 17 12.99 12.90 34.10
N THR A 18 12.83 11.60 33.87
CA THR A 18 12.73 10.60 34.92
C THR A 18 13.59 9.41 34.56
N PRO A 19 14.14 8.72 35.56
CA PRO A 19 14.86 7.48 35.27
C PRO A 19 13.93 6.47 34.62
N PRO A 20 14.48 5.58 33.78
CA PRO A 20 13.63 4.70 32.98
C PRO A 20 12.94 3.65 33.84
N ILE A 21 11.99 2.95 33.19
CA ILE A 21 11.30 1.85 33.85
C ILE A 21 12.14 0.58 33.81
N SER A 22 12.77 0.30 32.67
CA SER A 22 13.56 -0.92 32.51
C SER A 22 14.56 -0.72 31.38
N THR A 23 15.83 -0.95 31.68
CA THR A 23 16.89 -0.92 30.67
C THR A 23 17.18 -2.31 30.10
N ALA A 24 16.28 -3.26 30.28
CA ALA A 24 16.53 -4.62 29.85
C ALA A 24 16.51 -4.72 28.32
N PRO A 25 17.34 -5.60 27.75
CA PRO A 25 17.36 -5.77 26.30
C PRO A 25 16.10 -6.46 25.78
N ALA A 26 16.05 -6.71 24.48
CA ALA A 26 14.91 -7.35 23.86
C ALA A 26 15.10 -8.86 23.84
N THR A 27 14.11 -9.58 24.34
CA THR A 27 14.15 -11.04 24.26
C THR A 27 13.98 -11.48 22.80
N GLU A 28 14.24 -12.77 22.55
CA GLU A 28 14.10 -13.29 21.20
C GLU A 28 12.66 -13.23 20.72
N GLN A 29 11.70 -13.34 21.64
CA GLN A 29 10.29 -13.22 21.25
C GLN A 29 9.93 -11.76 20.93
N GLU A 30 10.40 -10.83 21.77
CA GLU A 30 10.14 -9.41 21.51
C GLU A 30 10.74 -8.97 20.18
N ASN A 31 11.98 -9.39 19.91
CA ASN A 31 12.61 -9.03 18.64
C ASN A 31 11.95 -9.72 17.46
N ALA A 32 11.40 -10.93 17.67
CA ALA A 32 10.67 -11.60 16.61
C ALA A 32 9.32 -10.93 16.37
N LEU A 33 8.63 -10.53 17.45
CA LEU A 33 7.39 -9.78 17.29
C LEU A 33 7.64 -8.41 16.67
N ASN A 34 8.79 -7.80 16.95
CA ASN A 34 9.14 -6.54 16.31
C ASN A 34 9.30 -6.72 14.81
N THR A 35 9.90 -7.84 14.39
CA THR A 35 9.98 -8.15 12.97
C THR A 35 8.59 -8.37 12.38
N ALA A 36 7.67 -8.96 13.15
CA ALA A 36 6.30 -9.12 12.67
C ALA A 36 5.56 -7.79 12.63
N LEU A 37 5.87 -6.88 13.56
CA LEU A 37 5.25 -5.56 13.55
C LEU A 37 5.69 -4.75 12.35
N ILE A 38 7.00 -4.76 12.05
CA ILE A 38 7.50 -4.03 10.89
C ILE A 38 6.98 -4.65 9.60
N ASN A 39 6.87 -5.98 9.57
CA ASN A 39 6.34 -6.65 8.38
C ASN A 39 4.88 -6.27 8.15
N GLU A 40 4.10 -6.12 9.23
CA GLU A 40 2.71 -5.69 9.09
C GLU A 40 2.63 -4.25 8.62
N LEU A 41 3.50 -3.39 9.13
CA LEU A 41 3.49 -1.99 8.71
C LEU A 41 3.88 -1.86 7.24
N LYS A 42 4.82 -2.70 6.78
CA LYS A 42 5.18 -2.68 5.36
C LYS A 42 4.04 -3.19 4.48
N ASN A 43 3.25 -4.14 4.98
CA ASN A 43 2.16 -4.71 4.20
C ASN A 43 1.01 -3.72 4.01
N GLN A 44 1.00 -2.60 4.73
CA GLN A 44 0.01 -1.55 4.55
C GLN A 44 0.50 -0.43 3.65
N ASN A 45 1.70 -0.55 3.08
CA ASN A 45 2.33 0.50 2.29
C ASN A 45 2.46 1.79 3.10
N LEU A 46 3.14 1.66 4.25
CA LEU A 46 3.44 2.78 5.11
C LEU A 46 4.89 3.22 5.04
N PHE A 47 5.67 2.66 4.10
CA PHE A 47 7.08 2.96 3.98
C PHE A 47 7.45 3.60 2.65
N GLU A 48 6.46 4.05 1.87
CA GLU A 48 6.68 4.78 0.62
C GLU A 48 7.49 3.91 -0.31
N SER A 49 8.66 4.34 -0.78
CA SER A 49 9.52 3.57 -1.66
C SER A 49 10.88 4.26 -1.73
N PRO A 50 11.97 3.53 -1.99
CA PRO A 50 13.28 4.18 -2.08
C PRO A 50 13.37 5.18 -3.23
N ALA A 51 12.64 4.94 -4.33
CA ALA A 51 12.70 5.86 -5.46
C ALA A 51 11.95 7.16 -5.17
N GLU A 52 10.94 7.11 -4.31
CA GLU A 52 10.16 8.31 -4.03
C GLU A 52 10.84 9.19 -2.99
N SER A 53 11.55 8.59 -2.02
CA SER A 53 12.28 9.39 -1.04
C SER A 53 13.46 10.11 -1.69
N GLU A 54 14.12 9.45 -2.65
CA GLU A 54 15.17 10.10 -3.41
C GLU A 54 14.61 11.27 -4.22
N LYS A 55 13.34 11.19 -4.62
CA LYS A 55 12.73 12.29 -5.35
C LYS A 55 12.45 13.48 -4.45
N ARG A 56 12.04 13.22 -3.20
CA ARG A 56 11.79 14.32 -2.26
C ARG A 56 13.07 15.06 -1.92
N VAL A 57 14.21 14.35 -1.90
CA VAL A 57 15.49 15.00 -1.62
C VAL A 57 15.88 15.92 -2.77
N LYS A 58 15.73 15.44 -4.01
CA LYS A 58 16.05 16.29 -5.16
C LYS A 58 15.10 17.47 -5.27
N VAL A 59 13.85 17.30 -4.81
CA VAL A 59 12.90 18.42 -4.84
C VAL A 59 13.28 19.46 -3.79
N LEU A 60 13.67 19.02 -2.60
CA LEU A 60 14.04 19.98 -1.56
C LEU A 60 15.33 20.71 -1.91
N ASP A 61 16.30 20.01 -2.52
CA ASP A 61 17.49 20.69 -2.99
C ASP A 61 17.18 21.62 -4.16
N GLU A 62 16.15 21.29 -4.95
CA GLU A 62 15.74 22.20 -6.01
C GLU A 62 15.04 23.43 -5.44
N LEU A 63 14.29 23.27 -4.35
CA LEU A 63 13.65 24.42 -3.71
C LEU A 63 14.65 25.26 -2.95
N GLN A 64 15.77 24.67 -2.51
CA GLN A 64 16.79 25.45 -1.83
C GLN A 64 17.55 26.34 -2.81
N GLN A 65 17.75 25.86 -4.04
CA GLN A 65 18.38 26.67 -5.06
C GLN A 65 17.49 27.84 -5.48
N ILE A 66 16.17 27.68 -5.37
CA ILE A 66 15.26 28.77 -5.68
C ILE A 66 15.30 29.83 -4.57
N THR A 67 15.37 29.39 -3.31
CA THR A 67 15.37 30.34 -2.20
C THR A 67 16.57 31.28 -2.28
N THR A 68 17.75 30.75 -2.63
CA THR A 68 18.90 31.60 -2.86
C THR A 68 18.65 32.56 -4.02
N GLU A 69 18.04 32.06 -5.10
CA GLU A 69 17.67 32.93 -6.21
C GLU A 69 16.57 33.89 -5.82
N PHE A 70 15.72 33.52 -4.86
CA PHE A 70 14.62 34.39 -4.45
C PHE A 70 15.12 35.54 -3.58
N VAL A 71 15.94 35.25 -2.58
CA VAL A 71 16.45 36.30 -1.70
C VAL A 71 17.40 37.21 -2.44
N LYS A 72 18.19 36.66 -3.39
CA LYS A 72 19.16 37.48 -4.10
C LYS A 72 18.48 38.51 -4.99
N LYS A 73 17.32 38.16 -5.57
CA LYS A 73 16.59 39.11 -6.40
C LYS A 73 15.94 40.20 -5.57
N VAL A 74 15.31 39.82 -4.46
CA VAL A 74 14.67 40.80 -3.60
C VAL A 74 15.69 41.70 -2.94
N SER A 75 16.87 41.16 -2.60
CA SER A 75 17.90 41.98 -1.97
C SER A 75 18.45 43.02 -2.93
N LEU A 76 18.65 42.65 -4.19
CA LEU A 76 19.13 43.62 -5.17
C LEU A 76 18.12 44.74 -5.39
N ALA A 77 16.82 44.45 -5.26
CA ALA A 77 15.80 45.48 -5.38
C ALA A 77 15.83 46.45 -4.21
N LYS A 78 16.39 46.04 -3.07
CA LYS A 78 16.58 46.93 -1.93
C LYS A 78 17.90 47.68 -1.99
N HIS A 79 18.58 47.66 -3.14
CA HIS A 79 19.85 48.35 -3.35
C HIS A 79 20.93 47.84 -2.40
N MET A 80 21.12 46.52 -2.39
CA MET A 80 22.19 45.90 -1.64
C MET A 80 23.40 45.70 -2.55
N ASN A 81 24.58 45.69 -1.94
CA ASN A 81 25.82 45.59 -2.71
C ASN A 81 25.97 44.18 -3.31
N GLU A 82 26.96 44.05 -4.19
CA GLU A 82 27.23 42.75 -4.81
C GLU A 82 27.65 41.71 -3.77
N LYS A 83 28.30 42.15 -2.70
CA LYS A 83 28.75 41.21 -1.68
C LYS A 83 27.62 40.87 -0.70
N MET A 84 26.85 41.87 -0.28
CA MET A 84 25.79 41.63 0.69
C MET A 84 24.65 40.82 0.09
N ALA A 85 24.25 41.15 -1.15
CA ALA A 85 23.18 40.41 -1.79
C ALA A 85 23.57 38.97 -2.09
N ASN A 86 24.88 38.70 -2.23
CA ASN A 86 25.34 37.35 -2.47
C ASN A 86 25.34 36.52 -1.20
N GLU A 87 25.75 37.12 -0.08
CA GLU A 87 25.82 36.43 1.20
C GLU A 87 24.52 36.52 2.00
N ALA A 88 23.47 37.10 1.41
CA ALA A 88 22.17 37.14 2.09
C ALA A 88 21.62 35.73 2.28
N GLY A 89 21.83 34.86 1.30
CA GLY A 89 21.46 33.46 1.43
C GLY A 89 19.99 33.17 1.39
N GLY A 90 19.47 32.58 2.47
CA GLY A 90 18.09 32.13 2.53
C GLY A 90 17.99 30.62 2.50
N LYS A 91 17.57 30.02 3.61
CA LYS A 91 17.53 28.57 3.75
C LYS A 91 16.10 28.08 3.93
N ILE A 92 15.80 26.93 3.35
CA ILE A 92 14.49 26.30 3.45
C ILE A 92 14.60 25.11 4.41
N PHE A 93 13.65 25.00 5.32
CA PHE A 93 13.59 23.91 6.29
C PHE A 93 12.32 23.10 6.09
N THR A 94 12.30 21.92 6.72
CA THR A 94 11.15 21.04 6.69
C THR A 94 10.82 20.60 8.11
N TYR A 95 9.58 20.16 8.30
CA TYR A 95 9.12 19.72 9.61
C TYR A 95 7.93 18.79 9.42
N GLY A 96 7.25 18.48 10.52
CA GLY A 96 6.07 17.65 10.48
C GLY A 96 6.39 16.19 10.30
N SER A 97 5.56 15.48 9.53
CA SER A 97 5.74 14.05 9.33
C SER A 97 7.00 13.73 8.52
N TYR A 98 7.47 14.66 7.69
CA TYR A 98 8.60 14.35 6.81
C TYR A 98 9.92 14.32 7.56
N ARG A 99 10.22 15.37 8.34
CA ARG A 99 11.50 15.41 9.03
C ARG A 99 11.60 14.33 10.10
N LEU A 100 10.47 13.91 10.67
CA LEU A 100 10.48 12.78 11.59
C LEU A 100 10.77 11.45 10.89
N GLY A 101 10.81 11.43 9.56
CA GLY A 101 11.04 10.21 8.83
C GLY A 101 9.86 9.26 8.77
N VAL A 102 8.72 9.63 9.36
CA VAL A 102 7.54 8.78 9.42
C VAL A 102 6.49 9.41 8.50
N TYR A 103 6.35 8.86 7.29
CA TYR A 103 5.41 9.41 6.33
C TYR A 103 5.20 8.37 5.22
N GLY A 104 3.94 8.21 4.82
CA GLY A 104 3.59 7.26 3.79
C GLY A 104 3.63 7.88 2.41
N PRO A 105 3.23 7.11 1.40
CA PRO A 105 3.23 7.63 0.02
C PRO A 105 2.21 8.74 -0.15
N GLY A 106 2.53 9.67 -1.05
CA GLY A 106 1.68 10.81 -1.32
C GLY A 106 1.58 11.81 -0.20
N SER A 107 2.23 11.58 0.94
CA SER A 107 2.16 12.50 2.06
C SER A 107 2.88 13.80 1.72
N ASP A 108 2.29 14.91 2.14
CA ASP A 108 2.83 16.22 1.82
C ASP A 108 4.06 16.54 2.67
N ILE A 109 4.90 17.42 2.14
CA ILE A 109 6.14 17.82 2.79
C ILE A 109 5.92 19.19 3.41
N ASP A 110 5.82 19.24 4.74
CA ASP A 110 5.66 20.51 5.43
C ASP A 110 6.95 21.30 5.39
N THR A 111 7.10 22.18 4.40
CA THR A 111 8.31 22.96 4.24
C THR A 111 8.19 24.31 4.93
N LEU A 112 9.32 25.02 5.01
CA LEU A 112 9.38 26.30 5.71
C LEU A 112 10.59 27.06 5.18
N VAL A 113 10.36 28.29 4.73
CA VAL A 113 11.41 29.13 4.15
C VAL A 113 11.81 30.20 5.17
N VAL A 114 13.12 30.38 5.34
CA VAL A 114 13.67 31.35 6.28
C VAL A 114 14.45 32.39 5.47
N VAL A 115 14.09 33.66 5.66
CA VAL A 115 14.73 34.75 4.93
C VAL A 115 15.08 35.85 5.93
N PRO A 116 16.06 36.70 5.59
CA PRO A 116 16.34 37.87 6.43
C PRO A 116 15.16 38.83 6.45
N LYS A 117 15.26 39.83 7.33
CA LYS A 117 14.13 40.73 7.54
C LYS A 117 13.91 41.69 6.37
N HIS A 118 14.93 41.92 5.54
CA HIS A 118 14.74 42.82 4.41
C HIS A 118 13.89 42.21 3.30
N VAL A 119 13.50 40.94 3.43
CA VAL A 119 12.56 40.31 2.52
C VAL A 119 11.25 40.14 3.28
N SER A 120 10.30 41.02 3.01
CA SER A 120 9.05 41.07 3.76
C SER A 120 8.08 39.99 3.28
N ARG A 121 6.98 39.84 4.02
CA ARG A 121 5.92 38.92 3.62
C ARG A 121 5.31 39.35 2.29
N ASP A 122 5.33 40.65 1.99
CA ASP A 122 4.83 41.11 0.70
C ASP A 122 5.69 40.58 -0.44
N ASN A 123 7.01 40.51 -0.25
CA ASN A 123 7.88 39.93 -1.25
C ASN A 123 7.69 38.42 -1.37
N PHE A 124 7.14 37.79 -0.34
CA PHE A 124 6.94 36.34 -0.37
C PHE A 124 5.87 35.95 -1.39
N PHE A 125 4.77 36.72 -1.45
CA PHE A 125 3.69 36.42 -2.38
C PHE A 125 3.87 37.08 -3.74
N GLN A 126 4.55 38.23 -3.79
CA GLN A 126 4.68 38.96 -5.05
C GLN A 126 5.83 38.44 -5.90
N ASP A 127 6.93 38.02 -5.28
CA ASP A 127 8.12 37.62 -6.01
C ASP A 127 8.32 36.12 -6.09
N LEU A 128 8.01 35.39 -5.02
CA LEU A 128 8.25 33.94 -5.04
C LEU A 128 7.21 33.19 -5.86
N GLU A 129 5.96 33.64 -5.86
CA GLU A 129 4.92 32.95 -6.63
C GLU A 129 5.22 32.92 -8.12
N PRO A 130 5.60 34.01 -8.79
CA PRO A 130 5.97 33.89 -10.20
C PRO A 130 7.24 33.08 -10.42
N MET A 131 8.15 33.06 -9.44
CA MET A 131 9.34 32.22 -9.56
C MET A 131 8.99 30.75 -9.63
N LEU A 132 7.85 30.36 -9.07
CA LEU A 132 7.42 28.97 -9.05
C LEU A 132 6.68 28.56 -10.32
N ARG A 133 5.81 29.43 -10.84
CA ARG A 133 5.06 29.08 -12.04
C ARG A 133 5.99 28.98 -13.25
N GLU A 134 6.89 29.95 -13.41
CA GLU A 134 7.83 29.91 -14.53
C GLU A 134 8.75 28.69 -14.44
N ARG A 135 9.01 28.21 -13.22
CA ARG A 135 9.72 26.95 -13.05
C ARG A 135 8.88 25.82 -13.63
N GLU A 136 9.40 25.18 -14.68
CA GLU A 136 8.62 24.24 -15.50
C GLU A 136 8.18 23.00 -14.76
N GLU A 137 8.56 22.82 -13.49
CA GLU A 137 8.25 21.60 -12.75
C GLU A 137 7.14 21.77 -11.73
N VAL A 138 6.52 22.94 -11.66
CA VAL A 138 5.48 23.23 -10.67
C VAL A 138 4.13 23.18 -11.36
N THR A 139 3.20 22.41 -10.79
CA THR A 139 1.83 22.30 -11.28
C THR A 139 0.87 22.42 -10.12
N ASP A 140 -0.33 22.95 -10.42
CA ASP A 140 -1.40 23.12 -9.44
C ASP A 140 -0.92 23.94 -8.25
N LEU A 141 -0.49 25.16 -8.53
CA LEU A 141 0.01 26.09 -7.52
C LEU A 141 -1.15 26.94 -7.02
N ALA A 142 -1.49 26.79 -5.74
CA ALA A 142 -2.60 27.51 -5.11
C ALA A 142 -2.03 28.40 -4.01
N ALA A 143 -1.30 29.43 -4.41
CA ALA A 143 -0.71 30.39 -3.45
C ALA A 143 -1.81 31.30 -2.94
N VAL A 144 -2.32 31.01 -1.75
CA VAL A 144 -3.42 31.75 -1.16
C VAL A 144 -2.83 32.93 -0.37
N PRO A 145 -3.23 34.17 -0.65
CA PRO A 145 -2.79 35.29 0.20
C PRO A 145 -3.19 35.07 1.65
N ASP A 146 -2.33 35.53 2.55
CA ASP A 146 -2.42 35.19 3.96
C ASP A 146 -3.75 35.60 4.59
N ALA A 147 -4.58 34.60 4.91
CA ALA A 147 -5.76 34.81 5.74
C ALA A 147 -5.57 34.27 7.15
N TYR A 148 -4.58 33.40 7.36
CA TYR A 148 -4.28 32.84 8.67
C TYR A 148 -2.78 32.94 8.93
N VAL A 149 -2.00 32.21 8.13
CA VAL A 149 -0.54 32.21 8.22
C VAL A 149 -0.01 32.18 6.78
N PRO A 150 1.06 32.95 6.46
CA PRO A 150 1.59 32.91 5.09
C PRO A 150 1.94 31.51 4.63
N ILE A 151 1.06 30.92 3.81
CA ILE A 151 1.18 29.55 3.36
C ILE A 151 0.98 29.51 1.85
N ILE A 152 1.71 28.62 1.19
CA ILE A 152 1.60 28.42 -0.26
C ILE A 152 1.65 26.91 -0.52
N LYS A 153 0.69 26.40 -1.28
CA LYS A 153 0.60 24.99 -1.59
C LYS A 153 0.74 24.78 -3.10
N PHE A 154 1.51 23.76 -3.47
CA PHE A 154 1.70 23.39 -4.87
C PHE A 154 2.17 21.94 -4.92
N LYS A 155 2.62 21.51 -6.10
CA LYS A 155 3.07 20.13 -6.30
C LYS A 155 4.28 20.17 -7.24
N PHE A 156 5.46 20.38 -6.67
CA PHE A 156 6.70 20.35 -7.44
C PHE A 156 6.99 18.93 -7.90
N LEU A 157 6.95 18.70 -9.21
CA LEU A 157 7.17 17.37 -9.79
C LEU A 157 6.20 16.34 -9.24
N GLY A 158 4.99 16.77 -8.89
CA GLY A 158 4.00 15.88 -8.32
C GLY A 158 4.08 15.71 -6.82
N ILE A 159 5.14 16.19 -6.18
CA ILE A 159 5.30 16.11 -4.73
C ILE A 159 4.63 17.31 -4.11
N SER A 160 3.57 17.08 -3.34
CA SER A 160 2.82 18.16 -2.73
C SER A 160 3.65 18.87 -1.68
N ILE A 161 3.66 20.20 -1.72
CA ILE A 161 4.48 21.03 -0.84
C ILE A 161 3.58 22.06 -0.16
N ASP A 162 3.81 22.29 1.12
CA ASP A 162 3.12 23.33 1.88
C ASP A 162 4.17 24.26 2.47
N LEU A 163 4.43 25.37 1.81
CA LEU A 163 5.50 26.28 2.18
C LEU A 163 4.98 27.35 3.12
N ILE A 164 5.70 27.54 4.23
CA ILE A 164 5.35 28.53 5.24
C ILE A 164 6.47 29.56 5.33
N PHE A 165 6.10 30.83 5.37
CA PHE A 165 7.06 31.93 5.41
C PHE A 165 7.51 32.22 6.83
N ALA A 166 8.77 32.63 6.98
CA ALA A 166 9.33 32.98 8.27
C ALA A 166 10.41 34.04 8.06
N ARG A 167 10.28 35.16 8.77
CA ARG A 167 11.16 36.30 8.61
C ARG A 167 12.04 36.45 9.86
N LEU A 168 13.35 36.31 9.67
CA LEU A 168 14.33 36.48 10.74
C LEU A 168 14.93 37.88 10.72
N SER A 169 15.21 38.40 11.91
CA SER A 169 15.77 39.74 12.04
C SER A 169 17.25 39.80 11.68
N VAL A 170 17.95 38.67 11.68
CA VAL A 170 19.37 38.65 11.32
C VAL A 170 19.50 39.04 9.84
N PRO A 171 20.44 39.93 9.48
CA PRO A 171 20.50 40.40 8.09
C PRO A 171 20.89 39.34 7.07
N ARG A 172 21.47 38.21 7.51
CA ARG A 172 21.90 37.17 6.59
C ARG A 172 21.61 35.80 7.17
N VAL A 173 21.15 34.89 6.31
CA VAL A 173 20.84 33.52 6.67
C VAL A 173 21.82 32.61 5.93
N PRO A 174 22.77 31.97 6.62
CA PRO A 174 23.73 31.12 5.93
C PRO A 174 23.08 29.85 5.40
N ARG A 175 23.79 29.21 4.46
CA ARG A 175 23.29 27.97 3.87
C ARG A 175 23.27 26.82 4.86
N ASP A 176 23.99 26.95 5.98
CA ASP A 176 24.06 25.89 7.00
C ASP A 176 23.66 26.49 8.34
N LEU A 177 22.37 26.80 8.47
CA LEU A 177 21.81 27.36 9.70
C LEU A 177 20.98 26.32 10.42
N GLU A 178 20.98 26.39 11.75
CA GLU A 178 20.17 25.50 12.59
C GLU A 178 19.36 26.36 13.55
N LEU A 179 18.05 26.09 13.63
CA LEU A 179 17.12 26.89 14.41
C LEU A 179 17.04 26.45 15.87
N SER A 180 18.13 25.92 16.43
CA SER A 180 18.11 25.49 17.81
C SER A 180 18.38 26.64 18.78
N ASP A 181 19.17 27.64 18.37
CA ASP A 181 19.48 28.77 19.22
C ASP A 181 18.22 29.58 19.50
N ASN A 182 17.87 29.73 20.77
CA ASN A 182 16.68 30.49 21.15
C ASN A 182 16.82 31.97 20.84
N ASN A 183 18.04 32.46 20.62
CA ASN A 183 18.25 33.88 20.35
C ASN A 183 17.70 34.30 19.00
N LEU A 184 17.51 33.37 18.08
CA LEU A 184 17.01 33.72 16.74
C LEU A 184 15.57 34.19 16.76
N LEU A 185 14.83 33.92 17.84
CA LEU A 185 13.44 34.34 17.92
C LEU A 185 13.30 35.84 18.13
N LYS A 186 14.38 36.52 18.53
CA LYS A 186 14.31 37.96 18.77
C LYS A 186 14.15 38.71 17.45
N GLY A 187 13.37 39.80 17.49
CA GLY A 187 13.13 40.58 16.30
C GLY A 187 12.27 39.93 15.26
N VAL A 188 11.47 38.92 15.65
CA VAL A 188 10.61 38.19 14.74
C VAL A 188 9.17 38.34 15.23
N GLU A 189 8.25 38.61 14.31
CA GLU A 189 6.86 38.78 14.65
C GLU A 189 6.28 37.48 15.21
N GLU A 190 5.21 37.63 15.99
CA GLU A 190 4.62 36.47 16.66
C GLU A 190 4.08 35.44 15.67
N ARG A 191 3.58 35.90 14.52
CA ARG A 191 3.11 34.96 13.50
C ARG A 191 4.25 34.10 12.97
N CYS A 192 5.39 34.71 12.69
CA CYS A 192 6.54 33.99 12.16
C CYS A 192 7.32 33.25 13.25
N VAL A 193 7.02 33.48 14.52
CA VAL A 193 7.66 32.71 15.59
C VAL A 193 7.02 31.34 15.73
N LEU A 194 5.69 31.29 15.72
CA LEU A 194 4.99 30.00 15.80
C LEU A 194 5.30 29.12 14.60
N SER A 195 5.59 29.72 13.45
CA SER A 195 5.99 28.95 12.29
C SER A 195 7.31 28.23 12.54
N LEU A 196 8.33 28.96 12.99
CA LEU A 196 9.60 28.34 13.31
C LEU A 196 9.47 27.32 14.43
N ASN A 197 8.48 27.49 15.31
CA ASN A 197 8.27 26.53 16.38
C ASN A 197 7.90 25.16 15.85
N GLY A 198 7.36 25.08 14.62
CA GLY A 198 7.03 23.80 14.04
C GLY A 198 8.26 22.93 13.80
N THR A 199 9.31 23.53 13.24
CA THR A 199 10.53 22.77 12.97
C THR A 199 11.45 22.69 14.18
N ARG A 200 11.31 23.61 15.14
CA ARG A 200 12.11 23.52 16.36
C ARG A 200 11.69 22.33 17.20
N VAL A 201 10.38 22.08 17.28
CA VAL A 201 9.88 20.95 18.08
C VAL A 201 10.15 19.63 17.38
N THR A 202 10.05 19.61 16.04
CA THR A 202 10.34 18.38 15.30
C THR A 202 11.79 17.95 15.50
N ASP A 203 12.71 18.91 15.60
CA ASP A 203 14.11 18.57 15.84
C ASP A 203 14.33 18.13 17.28
N GLN A 204 13.72 18.83 18.24
CA GLN A 204 13.91 18.47 19.65
C GLN A 204 13.39 17.08 19.96
N ILE A 205 12.37 16.62 19.23
CA ILE A 205 11.82 15.29 19.47
C ILE A 205 12.84 14.22 19.06
N LEU A 206 13.44 14.37 17.88
CA LEU A 206 14.39 13.37 17.39
C LEU A 206 15.68 13.33 18.19
N GLN A 207 15.93 14.30 19.06
CA GLN A 207 17.16 14.33 19.85
C GLN A 207 16.95 13.85 21.29
N LEU A 208 15.71 13.85 21.79
CA LEU A 208 15.42 13.46 23.16
C LEU A 208 15.01 12.00 23.29
N VAL A 209 15.15 11.21 22.23
CA VAL A 209 14.83 9.79 22.29
C VAL A 209 16.13 8.98 22.21
N PRO A 210 16.22 7.85 22.90
CA PRO A 210 17.47 7.05 22.88
C PRO A 210 17.79 6.53 21.49
N ASN A 211 16.99 5.59 21.01
CA ASN A 211 17.15 5.03 19.68
C ASN A 211 16.15 5.69 18.74
N ARG A 212 16.65 6.26 17.64
CA ARG A 212 15.78 6.94 16.69
C ARG A 212 15.02 5.93 15.83
N ALA A 213 15.66 4.83 15.46
CA ALA A 213 14.99 3.83 14.63
C ALA A 213 13.80 3.21 15.36
N VAL A 214 13.95 2.96 16.66
CA VAL A 214 12.85 2.41 17.44
C VAL A 214 11.71 3.41 17.54
N PHE A 215 12.05 4.70 17.65
CA PHE A 215 11.02 5.73 17.76
C PHE A 215 10.21 5.85 16.47
N LYS A 216 10.87 5.67 15.31
CA LYS A 216 10.18 5.84 14.04
C LYS A 216 9.22 4.69 13.76
N HIS A 217 9.66 3.44 13.98
CA HIS A 217 8.77 2.31 13.79
C HIS A 217 7.58 2.37 14.73
N ALA A 218 7.80 2.79 15.98
CA ALA A 218 6.72 2.87 16.94
C ALA A 218 5.72 3.96 16.56
N LEU A 219 6.22 5.12 16.10
CA LEU A 219 5.32 6.18 15.70
C LEU A 219 4.51 5.81 14.47
N ARG A 220 5.07 4.97 13.59
CA ARG A 220 4.32 4.53 12.42
C ARG A 220 3.07 3.75 12.83
N ALA A 221 3.23 2.81 13.77
CA ALA A 221 2.10 1.98 14.19
C ALA A 221 1.11 2.77 15.04
N ILE A 222 1.59 3.71 15.86
CA ILE A 222 0.69 4.46 16.71
C ILE A 222 -0.09 5.49 15.90
N LYS A 223 0.60 6.20 15.00
CA LYS A 223 -0.10 7.13 14.11
C LYS A 223 -1.11 6.40 13.24
N PHE A 224 -0.73 5.23 12.72
CA PHE A 224 -1.65 4.45 11.90
C PHE A 224 -2.86 3.99 12.71
N TRP A 225 -2.63 3.51 13.93
CA TRP A 225 -3.74 3.08 14.78
C TRP A 225 -4.68 4.23 15.10
N ALA A 226 -4.11 5.42 15.34
CA ALA A 226 -4.94 6.59 15.63
C ALA A 226 -5.79 6.97 14.42
N GLN A 227 -5.20 6.93 13.23
CA GLN A 227 -5.96 7.26 12.02
C GLN A 227 -7.06 6.23 11.77
N ARG A 228 -6.78 4.96 12.01
CA ARG A 228 -7.77 3.91 11.76
C ARG A 228 -8.92 3.95 12.77
N ARG A 229 -8.83 4.75 13.82
CA ARG A 229 -9.90 4.86 14.80
C ARG A 229 -10.41 6.28 14.97
N ALA A 230 -10.02 7.19 14.07
CA ALA A 230 -10.54 8.56 14.03
C ALA A 230 -10.31 9.30 15.34
N ILE A 231 -9.06 9.26 15.81
CA ILE A 231 -8.65 10.04 16.98
C ILE A 231 -7.36 10.77 16.65
N TYR A 232 -7.24 11.23 15.40
CA TYR A 232 -6.04 11.88 14.91
C TYR A 232 -6.25 13.31 14.44
N ALA A 233 -7.50 13.73 14.23
CA ALA A 233 -7.79 15.07 13.74
C ALA A 233 -7.64 16.09 14.86
N ASN A 234 -6.82 17.11 14.63
CA ASN A 234 -6.60 18.14 15.64
C ASN A 234 -7.72 19.17 15.67
N VAL A 235 -8.36 19.42 14.53
CA VAL A 235 -9.37 20.48 14.44
C VAL A 235 -10.67 20.15 15.14
N VAL A 236 -10.83 18.92 15.63
CA VAL A 236 -12.06 18.51 16.31
C VAL A 236 -11.85 18.19 17.77
N GLY A 237 -10.61 18.22 18.26
CA GLY A 237 -10.33 17.99 19.67
C GLY A 237 -9.47 16.78 19.96
N PHE A 238 -9.02 16.03 18.97
CA PHE A 238 -8.12 14.91 19.19
C PHE A 238 -6.69 15.34 18.93
N PRO A 239 -5.71 14.65 19.54
CA PRO A 239 -4.32 15.09 19.40
C PRO A 239 -3.82 14.95 17.97
N GLY A 240 -2.85 15.80 17.61
CA GLY A 240 -2.30 15.85 16.28
C GLY A 240 -1.07 14.97 16.13
N GLY A 241 -0.46 15.07 14.94
CA GLY A 241 0.71 14.26 14.65
C GLY A 241 1.87 14.55 15.58
N VAL A 242 2.15 15.84 15.79
CA VAL A 242 3.20 16.23 16.74
C VAL A 242 2.85 15.75 18.14
N ALA A 243 1.57 15.78 18.49
CA ALA A 243 1.15 15.33 19.81
C ALA A 243 1.40 13.83 19.99
N TRP A 244 1.00 13.02 19.01
CA TRP A 244 1.27 11.59 19.09
C TRP A 244 2.76 11.30 19.05
N ALA A 245 3.53 12.10 18.31
CA ALA A 245 4.98 11.90 18.26
C ALA A 245 5.60 12.11 19.63
N MET A 246 5.15 13.12 20.37
CA MET A 246 5.68 13.35 21.71
C MET A 246 5.22 12.29 22.70
N MET A 247 4.07 11.65 22.44
CA MET A 247 3.60 10.61 23.35
C MET A 247 4.37 9.32 23.17
N VAL A 248 4.69 8.94 21.93
CA VAL A 248 5.54 7.77 21.72
C VAL A 248 6.99 8.07 22.05
N ALA A 249 7.39 9.34 22.01
CA ALA A 249 8.75 9.69 22.40
C ALA A 249 8.96 9.50 23.90
N ARG A 250 7.92 9.80 24.69
CA ARG A 250 8.03 9.64 26.14
C ARG A 250 8.13 8.18 26.54
N ILE A 251 7.43 7.30 25.82
CA ILE A 251 7.50 5.87 26.12
C ILE A 251 8.86 5.31 25.70
N CYS A 252 9.45 5.86 24.62
CA CYS A 252 10.79 5.43 24.23
C CYS A 252 11.83 5.79 25.27
N GLN A 253 11.65 6.93 25.95
CA GLN A 253 12.59 7.32 27.00
C GLN A 253 12.54 6.34 28.18
N LEU A 254 11.35 5.91 28.57
CA LEU A 254 11.20 5.02 29.72
C LEU A 254 11.66 3.59 29.42
N TYR A 255 11.84 3.25 28.14
CA TYR A 255 12.37 1.94 27.73
C TYR A 255 13.49 2.18 26.73
N PRO A 256 14.71 2.46 27.21
CA PRO A 256 15.81 2.83 26.32
C PRO A 256 16.23 1.74 25.36
N ASN A 257 16.45 0.53 25.88
CA ASN A 257 16.96 -0.57 25.09
C ASN A 257 15.88 -1.54 24.65
N ALA A 258 14.64 -1.07 24.50
CA ALA A 258 13.54 -1.89 24.03
C ALA A 258 13.35 -1.72 22.53
N VAL A 259 12.73 -2.72 21.91
CA VAL A 259 12.43 -2.66 20.48
C VAL A 259 11.06 -2.01 20.27
N SER A 260 10.70 -1.78 19.01
CA SER A 260 9.48 -1.03 18.72
C SER A 260 8.24 -1.78 19.18
N SER A 261 8.22 -3.11 19.05
CA SER A 261 7.06 -3.88 19.47
C SER A 261 6.79 -3.71 20.96
N VAL A 262 7.86 -3.64 21.77
CA VAL A 262 7.69 -3.42 23.20
C VAL A 262 7.12 -2.04 23.47
N ILE A 263 7.58 -1.04 22.71
CA ILE A 263 7.11 0.34 22.91
C ILE A 263 5.61 0.42 22.63
N VAL A 264 5.18 -0.13 21.50
CA VAL A 264 3.76 -0.07 21.14
C VAL A 264 2.91 -0.78 22.17
N ALA A 265 3.35 -1.95 22.63
CA ALA A 265 2.56 -2.71 23.60
C ALA A 265 2.46 -1.99 24.93
N LYS A 266 3.56 -1.40 25.40
CA LYS A 266 3.53 -0.64 26.65
C LYS A 266 2.94 0.75 26.47
N PHE A 267 2.77 1.22 25.23
CA PHE A 267 2.29 2.57 24.99
C PHE A 267 0.88 2.76 25.54
N PHE A 268 -0.05 1.87 25.17
CA PHE A 268 -1.45 2.06 25.52
C PHE A 268 -1.67 1.95 27.03
N ARG A 269 -0.99 1.00 27.68
CA ARG A 269 -1.19 0.80 29.11
C ARG A 269 -0.73 2.01 29.91
N ILE A 270 0.49 2.50 29.64
CA ILE A 270 1.05 3.57 30.45
C ILE A 270 0.27 4.86 30.28
N LEU A 271 -0.27 5.11 29.08
CA LEU A 271 -0.90 6.40 28.81
C LEU A 271 -2.32 6.49 29.37
N HIS A 272 -3.09 5.40 29.30
CA HIS A 272 -4.45 5.46 29.82
C HIS A 272 -4.49 5.36 31.34
N GLN A 273 -3.45 4.78 31.96
CA GLN A 273 -3.31 4.81 33.41
C GLN A 273 -2.49 6.00 33.90
N TRP A 274 -2.02 6.84 32.98
CA TRP A 274 -1.33 8.07 33.36
C TRP A 274 -2.28 8.99 34.10
N ASN A 275 -1.86 9.46 35.28
CA ASN A 275 -2.71 10.29 36.13
C ASN A 275 -2.73 11.71 35.58
N TRP A 276 -3.63 11.94 34.62
CA TRP A 276 -3.81 13.27 34.08
C TRP A 276 -4.43 14.19 35.14
N PRO A 277 -4.22 15.51 35.04
CA PRO A 277 -3.45 16.21 34.00
C PRO A 277 -1.98 16.42 34.31
N GLN A 278 -1.30 15.42 34.83
CA GLN A 278 0.16 15.50 34.94
C GLN A 278 0.74 15.51 33.53
N PRO A 279 1.37 16.60 33.09
CA PRO A 279 1.78 16.69 31.68
C PRO A 279 2.91 15.72 31.36
N ILE A 280 3.13 15.56 30.06
CA ILE A 280 4.22 14.75 29.53
C ILE A 280 5.29 15.70 29.00
N LEU A 281 6.51 15.58 29.52
CA LEU A 281 7.62 16.44 29.14
C LEU A 281 8.76 15.58 28.63
N LEU A 282 9.28 15.93 27.44
CA LEU A 282 10.45 15.26 26.91
C LEU A 282 11.74 15.83 27.46
N LYS A 283 11.69 17.04 28.02
CA LYS A 283 12.85 17.68 28.65
C LYS A 283 12.32 18.68 29.66
N PRO A 284 13.14 19.08 30.64
CA PRO A 284 12.71 20.12 31.58
C PRO A 284 12.43 21.42 30.84
N ILE A 285 11.33 22.07 31.22
CA ILE A 285 10.89 23.28 30.54
C ILE A 285 11.94 24.38 30.74
N GLU A 286 12.46 24.91 29.64
CA GLU A 286 13.51 25.91 29.67
C GLU A 286 12.94 27.30 29.41
N ASP A 287 13.37 28.27 30.22
CA ASP A 287 13.00 29.65 30.01
C ASP A 287 13.88 30.27 28.93
N GLY A 288 13.36 31.33 28.31
CA GLY A 288 14.05 31.96 27.21
C GLY A 288 14.13 33.47 27.33
N PRO A 289 14.55 34.13 26.26
CA PRO A 289 14.69 35.59 26.29
C PRO A 289 13.36 36.32 26.33
N LEU A 290 12.51 36.08 25.33
CA LEU A 290 11.22 36.77 25.24
C LEU A 290 10.35 36.45 26.44
N GLN A 291 9.69 37.48 26.98
CA GLN A 291 8.84 37.32 28.15
C GLN A 291 7.40 37.08 27.70
N VAL A 292 7.13 35.82 27.34
CA VAL A 292 5.82 35.38 26.90
C VAL A 292 5.40 34.20 27.77
N ARG A 293 4.11 33.86 27.70
CA ARG A 293 3.60 32.73 28.46
C ARG A 293 4.36 31.45 28.10
N ILE A 294 4.71 30.68 29.13
CA ILE A 294 5.54 29.50 28.95
C ILE A 294 4.86 28.31 29.62
N TRP A 295 3.53 28.35 29.66
CA TRP A 295 2.71 27.28 30.20
C TRP A 295 3.05 27.00 31.67
N ASN A 296 2.40 27.72 32.57
CA ASN A 296 2.45 27.41 34.00
C ASN A 296 1.02 27.27 34.51
N PRO A 297 0.52 26.05 34.68
CA PRO A 297 -0.88 25.88 35.14
C PRO A 297 -1.11 26.33 36.57
N LYS A 298 -0.06 26.66 37.32
CA LYS A 298 -0.24 27.10 38.70
C LYS A 298 -0.69 28.56 38.79
N LEU A 299 -0.33 29.38 37.80
CA LEU A 299 -0.77 30.78 37.79
C LEU A 299 -1.70 31.11 36.63
N TYR A 300 -1.51 30.50 35.47
CA TYR A 300 -2.43 30.69 34.36
C TYR A 300 -3.61 29.74 34.50
N PRO A 301 -4.84 30.24 34.70
CA PRO A 301 -5.99 29.32 34.76
C PRO A 301 -6.33 28.66 33.44
N SER A 302 -5.93 29.28 32.32
CA SER A 302 -6.22 28.69 31.01
C SER A 302 -5.42 27.41 30.80
N ASP A 303 -4.13 27.44 31.11
CA ASP A 303 -3.30 26.25 30.99
C ASP A 303 -3.59 25.22 32.08
N LYS A 304 -4.29 25.62 33.15
CA LYS A 304 -4.66 24.67 34.19
C LYS A 304 -5.78 23.74 33.73
N ALA A 305 -6.71 24.26 32.93
CA ALA A 305 -7.86 23.51 32.47
C ALA A 305 -7.52 22.51 31.37
N HIS A 306 -6.26 22.41 30.97
CA HIS A 306 -5.86 21.45 29.94
C HIS A 306 -6.10 20.02 30.44
N ARG A 307 -6.90 19.27 29.70
CA ARG A 307 -7.26 17.91 30.13
C ARG A 307 -6.04 17.00 30.10
N MET A 308 -5.47 16.78 28.91
CA MET A 308 -4.30 15.91 28.72
C MET A 308 -3.18 16.74 28.12
N PRO A 309 -2.43 17.48 28.95
CA PRO A 309 -1.39 18.36 28.41
C PRO A 309 -0.20 17.58 27.87
N ILE A 310 0.25 17.94 26.67
CA ILE A 310 1.46 17.42 26.07
C ILE A 310 2.29 18.63 25.66
N ILE A 311 3.36 18.91 26.41
CA ILE A 311 4.10 20.15 26.27
C ILE A 311 5.26 19.94 25.30
N THR A 312 5.40 20.86 24.35
CA THR A 312 6.51 20.79 23.40
C THR A 312 7.82 21.13 24.10
N PRO A 313 8.93 20.48 23.74
CA PRO A 313 10.19 20.73 24.44
C PRO A 313 10.91 22.01 24.03
N ALA A 314 10.54 22.60 22.90
CA ALA A 314 11.21 23.80 22.42
C ALA A 314 10.56 25.06 23.00
N TYR A 315 11.39 26.05 23.27
CA TYR A 315 10.91 27.33 23.81
C TYR A 315 10.26 28.16 22.69
N PRO A 316 9.10 28.78 22.96
CA PRO A 316 8.35 28.68 24.23
C PRO A 316 7.52 27.40 24.32
N SER A 317 7.53 26.78 25.50
CA SER A 317 6.83 25.52 25.70
C SER A 317 5.32 25.76 25.73
N MET A 318 4.62 25.15 24.78
CA MET A 318 3.17 25.25 24.67
C MET A 318 2.55 23.86 24.77
N CYS A 319 1.25 23.83 25.04
CA CYS A 319 0.51 22.58 25.12
C CYS A 319 -0.09 22.28 23.75
N ALA A 320 0.37 21.19 23.12
CA ALA A 320 -0.11 20.85 21.79
C ALA A 320 -1.51 20.27 21.83
N THR A 321 -1.91 19.67 22.95
CA THR A 321 -3.22 19.03 23.09
C THR A 321 -4.19 19.89 23.87
N HIS A 322 -4.13 21.22 23.72
CA HIS A 322 -5.05 22.09 24.45
C HIS A 322 -6.47 22.01 23.92
N ASN A 323 -6.66 21.58 22.68
CA ASN A 323 -8.00 21.47 22.11
C ASN A 323 -8.82 20.34 22.74
N ILE A 324 -8.18 19.44 23.49
CA ILE A 324 -8.88 18.27 24.03
C ILE A 324 -9.93 18.72 25.03
N THR A 325 -11.15 18.22 24.85
CA THR A 325 -12.27 18.50 25.74
C THR A 325 -12.54 17.28 26.62
N LEU A 326 -13.60 17.38 27.41
CA LEU A 326 -14.01 16.25 28.25
C LEU A 326 -14.40 15.05 27.39
N SER A 327 -15.12 15.29 26.29
CA SER A 327 -15.59 14.19 25.47
C SER A 327 -14.46 13.53 24.69
N THR A 328 -13.59 14.34 24.07
CA THR A 328 -12.46 13.77 23.36
C THR A 328 -11.53 13.01 24.30
N GLN A 329 -11.32 13.54 25.50
CA GLN A 329 -10.47 12.84 26.47
C GLN A 329 -11.03 11.46 26.81
N THR A 330 -12.34 11.38 27.04
CA THR A 330 -12.94 10.09 27.35
C THR A 330 -12.82 9.12 26.18
N ILE A 331 -12.93 9.62 24.96
CA ILE A 331 -12.78 8.77 23.79
C ILE A 331 -11.35 8.25 23.68
N ILE A 332 -10.37 9.14 23.85
CA ILE A 332 -8.97 8.73 23.77
C ILE A 332 -8.65 7.69 24.83
N LEU A 333 -9.13 7.90 26.06
CA LEU A 333 -8.86 6.95 27.13
C LEU A 333 -9.52 5.60 26.85
N ARG A 334 -10.73 5.61 26.30
CA ARG A 334 -11.42 4.36 26.03
C ARG A 334 -10.80 3.63 24.84
N GLU A 335 -10.34 4.37 23.84
CA GLU A 335 -9.68 3.73 22.71
C GLU A 335 -8.30 3.21 23.11
N MET A 336 -7.66 3.85 24.09
CA MET A 336 -6.39 3.34 24.60
C MET A 336 -6.57 2.06 25.40
N VAL A 337 -7.71 1.92 26.10
CA VAL A 337 -7.97 0.72 26.88
C VAL A 337 -8.21 -0.47 25.97
N ARG A 338 -8.99 -0.29 24.91
CA ARG A 338 -9.22 -1.38 23.96
C ARG A 338 -7.94 -1.77 23.26
N ALA A 339 -7.18 -0.78 22.79
CA ALA A 339 -5.93 -1.08 22.09
C ALA A 339 -4.92 -1.77 23.01
N GLY A 340 -4.95 -1.44 24.31
CA GLY A 340 -4.05 -2.10 25.24
C GLY A 340 -4.32 -3.58 25.37
N GLU A 341 -5.60 -3.94 25.52
CA GLU A 341 -5.96 -5.35 25.64
C GLU A 341 -5.57 -6.13 24.38
N ILE A 342 -5.71 -5.51 23.21
CA ILE A 342 -5.24 -6.14 21.98
C ILE A 342 -3.72 -6.22 21.97
N ALA A 343 -3.06 -5.18 22.49
CA ALA A 343 -1.60 -5.19 22.53
C ALA A 343 -1.07 -6.29 23.45
N ASP A 344 -1.83 -6.63 24.50
CA ASP A 344 -1.37 -7.67 25.41
C ASP A 344 -1.51 -9.06 24.80
N GLN A 345 -2.53 -9.27 23.97
CA GLN A 345 -2.74 -10.58 23.36
C GLN A 345 -1.94 -10.79 22.08
N ILE A 346 -1.43 -9.72 21.47
CA ILE A 346 -0.52 -9.90 20.34
C ILE A 346 0.89 -10.22 20.81
N MET A 347 1.25 -9.81 22.03
CA MET A 347 2.56 -10.13 22.57
C MET A 347 2.66 -11.58 23.05
N VAL A 348 1.53 -12.25 23.23
CA VAL A 348 1.52 -13.67 23.58
C VAL A 348 1.17 -14.53 22.36
N LYS A 349 1.25 -13.97 21.15
CA LYS A 349 0.95 -14.65 19.89
C LYS A 349 -0.50 -15.14 19.82
N ALA A 350 -1.39 -14.57 20.63
CA ALA A 350 -2.80 -14.93 20.59
C ALA A 350 -3.60 -14.09 19.60
N LEU A 351 -2.99 -13.07 19.00
CA LEU A 351 -3.64 -12.19 18.04
C LEU A 351 -2.58 -11.67 17.08
N PRO A 352 -2.96 -11.41 15.82
CA PRO A 352 -2.00 -10.84 14.88
C PRO A 352 -1.88 -9.34 15.05
N TRP A 353 -0.76 -8.79 14.54
CA TRP A 353 -0.55 -7.36 14.60
C TRP A 353 -1.64 -6.59 13.84
N SER A 354 -2.19 -7.19 12.79
CA SER A 354 -3.24 -6.53 12.03
C SER A 354 -4.51 -6.32 12.85
N ALA A 355 -4.68 -7.04 13.96
CA ALA A 355 -5.87 -6.88 14.78
C ALA A 355 -5.88 -5.54 15.51
N LEU A 356 -4.73 -4.90 15.68
CA LEU A 356 -4.68 -3.60 16.34
C LEU A 356 -5.16 -2.47 15.42
N PHE A 357 -4.97 -2.61 14.12
CA PHE A 357 -5.31 -1.57 13.15
C PHE A 357 -6.72 -1.72 12.60
N GLN A 358 -7.66 -2.21 13.41
CA GLN A 358 -9.03 -2.37 12.96
C GLN A 358 -9.72 -1.01 12.87
N LYS A 359 -10.68 -0.91 11.96
CA LYS A 359 -11.39 0.35 11.75
C LYS A 359 -12.32 0.64 12.94
N HIS A 360 -12.59 1.93 13.15
CA HIS A 360 -13.47 2.36 14.22
C HIS A 360 -14.90 1.87 13.98
N ASP A 361 -15.75 2.08 14.98
CA ASP A 361 -17.15 1.70 14.94
C ASP A 361 -18.03 2.86 15.38
N PHE A 362 -17.75 4.05 14.83
CA PHE A 362 -18.42 5.26 15.29
C PHE A 362 -19.93 5.17 15.11
N PHE A 363 -20.37 4.77 13.92
CA PHE A 363 -21.79 4.76 13.59
C PHE A 363 -22.54 3.60 14.23
N HIS A 364 -21.94 2.91 15.20
CA HIS A 364 -22.61 1.83 15.92
C HIS A 364 -22.48 1.98 17.43
N ARG A 365 -21.90 3.08 17.92
CA ARG A 365 -21.61 3.26 19.34
C ARG A 365 -22.63 4.11 20.06
N TYR A 366 -23.31 5.03 19.38
CA TYR A 366 -24.21 5.97 20.02
C TYR A 366 -25.62 5.81 19.47
N LYS A 367 -26.60 6.27 20.25
CA LYS A 367 -28.00 6.20 19.85
C LYS A 367 -28.44 7.40 19.02
N HIS A 368 -27.88 8.58 19.28
CA HIS A 368 -28.27 9.80 18.59
C HIS A 368 -27.04 10.48 18.01
N TYR A 369 -27.11 10.83 16.72
CA TYR A 369 -26.01 11.47 16.02
C TYR A 369 -26.46 12.84 15.55
N LEU A 370 -25.59 13.84 15.77
CA LEU A 370 -25.89 15.22 15.40
C LEU A 370 -25.37 15.48 14.00
N THR A 371 -26.27 15.57 13.03
CA THR A 371 -25.89 15.76 11.63
C THR A 371 -25.65 17.24 11.36
N ILE A 372 -24.42 17.58 10.96
CA ILE A 372 -24.02 18.95 10.71
C ILE A 372 -23.52 19.04 9.27
N THR A 373 -24.23 19.81 8.45
CA THR A 373 -23.89 19.96 7.05
C THR A 373 -23.63 21.42 6.71
N ALA A 374 -22.86 21.63 5.64
CA ALA A 374 -22.57 22.96 5.12
C ALA A 374 -22.77 22.93 3.62
N ALA A 375 -23.64 23.81 3.12
CA ALA A 375 -24.02 23.81 1.71
C ALA A 375 -23.56 25.09 1.03
N ALA A 376 -23.37 25.00 -0.29
CA ALA A 376 -22.97 26.14 -1.10
C ALA A 376 -23.36 25.88 -2.54
N LYS A 377 -23.39 26.96 -3.33
CA LYS A 377 -23.81 26.84 -4.71
C LYS A 377 -22.69 26.35 -5.62
N THR A 378 -21.45 26.78 -5.35
CA THR A 378 -20.31 26.43 -6.19
C THR A 378 -19.29 25.61 -5.39
N ALA A 379 -18.41 24.93 -6.11
CA ALA A 379 -17.43 24.07 -5.48
C ALA A 379 -16.28 24.87 -4.88
N GLU A 380 -15.88 25.96 -5.52
CA GLU A 380 -14.86 26.83 -4.95
C GLU A 380 -15.32 27.39 -3.61
N ALA A 381 -16.58 27.84 -3.54
CA ALA A 381 -17.12 28.34 -2.28
C ALA A 381 -17.36 27.20 -1.29
N GLN A 382 -17.64 26.00 -1.79
CA GLN A 382 -17.91 24.88 -0.89
C GLN A 382 -16.67 24.49 -0.09
N LEU A 383 -15.51 24.41 -0.76
CA LEU A 383 -14.29 24.04 -0.06
C LEU A 383 -13.93 25.06 1.02
N LYS A 384 -14.03 26.36 0.69
CA LYS A 384 -13.76 27.39 1.68
C LYS A 384 -14.78 27.34 2.80
N TRP A 385 -16.04 27.05 2.48
CA TRP A 385 -17.08 27.03 3.49
C TRP A 385 -17.03 25.75 4.33
N ALA A 386 -16.69 24.62 3.71
CA ALA A 386 -16.61 23.37 4.47
C ALA A 386 -15.44 23.37 5.45
N GLY A 387 -14.37 24.11 5.12
CA GLY A 387 -13.23 24.17 6.03
C GLY A 387 -13.51 24.97 7.28
N LEU A 388 -14.31 26.02 7.17
CA LEU A 388 -14.61 26.85 8.34
C LEU A 388 -15.61 26.18 9.27
N VAL A 389 -16.63 25.52 8.71
CA VAL A 389 -17.64 24.86 9.54
C VAL A 389 -17.01 23.74 10.35
N GLU A 390 -16.07 23.01 9.76
CA GLU A 390 -15.36 21.98 10.51
C GLU A 390 -14.45 22.59 11.58
N SER A 391 -13.88 23.77 11.31
CA SER A 391 -12.98 24.39 12.28
C SER A 391 -13.72 24.78 13.55
N LYS A 392 -14.96 25.21 13.43
CA LYS A 392 -15.77 25.61 14.58
C LYS A 392 -16.51 24.44 15.20
N LEU A 393 -16.07 23.21 14.95
CA LEU A 393 -16.77 22.05 15.48
C LEU A 393 -16.44 21.80 16.95
N ARG A 394 -15.18 22.00 17.34
CA ARG A 394 -14.80 21.85 18.74
C ARG A 394 -15.49 22.87 19.64
N HIS A 395 -15.88 24.02 19.09
CA HIS A 395 -16.67 24.98 19.86
C HIS A 395 -18.08 24.49 20.13
N LEU A 396 -18.61 23.60 19.27
CA LEU A 396 -19.95 23.08 19.47
C LEU A 396 -20.00 22.01 20.55
N VAL A 397 -19.00 21.11 20.58
CA VAL A 397 -19.00 20.07 21.60
C VAL A 397 -18.77 20.68 22.98
N THR A 398 -18.01 21.77 23.06
CA THR A 398 -17.81 22.42 24.35
C THR A 398 -19.10 23.01 24.89
N ARG A 399 -19.94 23.55 24.00
CA ARG A 399 -21.25 24.05 24.41
C ARG A 399 -22.24 22.91 24.65
N LEU A 400 -22.05 21.77 23.98
CA LEU A 400 -22.92 20.62 24.22
C LEU A 400 -22.59 19.91 25.51
N GLU A 401 -21.33 20.01 25.99
CA GLU A 401 -20.97 19.45 27.29
C GLU A 401 -21.58 20.23 28.44
N LEU A 402 -21.95 21.49 28.22
CA LEU A 402 -22.49 22.32 29.30
C LEU A 402 -23.89 21.88 29.70
N VAL A 403 -24.63 21.26 28.78
CA VAL A 403 -25.98 20.81 29.09
C VAL A 403 -25.93 19.64 30.08
N ASP A 404 -25.15 18.62 29.75
CA ASP A 404 -25.00 17.41 30.57
C ASP A 404 -26.34 16.75 30.87
N ALA A 405 -27.33 17.00 30.02
CA ALA A 405 -28.20 15.92 29.59
C ALA A 405 -27.48 15.06 28.57
N ILE A 406 -26.44 15.63 27.94
CA ILE A 406 -25.51 14.93 27.07
C ILE A 406 -24.25 14.68 27.88
N ALA A 407 -23.95 13.41 28.14
CA ALA A 407 -22.73 13.07 28.88
C ALA A 407 -21.51 12.96 28.00
N LEU A 408 -21.67 12.97 26.68
CA LEU A 408 -20.56 12.75 25.77
C LEU A 408 -20.94 13.25 24.38
N ALA A 409 -20.09 14.11 23.81
CA ALA A 409 -20.28 14.64 22.46
C ALA A 409 -19.05 14.28 21.65
N HIS A 410 -19.13 13.18 20.90
CA HIS A 410 -17.98 12.64 20.19
C HIS A 410 -17.93 13.19 18.77
N PRO A 411 -16.99 14.07 18.44
CA PRO A 411 -16.88 14.54 17.05
C PRO A 411 -16.30 13.47 16.15
N PHE A 412 -16.65 13.54 14.88
CA PHE A 412 -16.14 12.60 13.89
C PHE A 412 -15.02 13.24 13.09
N ASN A 413 -14.13 12.39 12.57
CA ASN A 413 -12.93 12.83 11.89
C ASN A 413 -13.24 13.59 10.60
N LYS A 414 -13.72 12.87 9.59
CA LYS A 414 -13.89 13.44 8.25
C LYS A 414 -15.35 13.80 7.99
N GLY A 415 -15.61 14.28 6.78
CA GLY A 415 -16.95 14.67 6.38
C GLY A 415 -17.32 14.08 5.04
N PHE A 416 -18.62 13.89 4.84
CA PHE A 416 -19.14 13.24 3.64
C PHE A 416 -19.67 14.29 2.67
N ASP A 417 -19.12 14.29 1.46
CA ASP A 417 -19.49 15.27 0.44
C ASP A 417 -20.44 14.62 -0.56
N LYS A 418 -21.63 15.21 -0.69
CA LYS A 418 -22.62 14.76 -1.67
C LYS A 418 -23.12 15.96 -2.46
N VAL A 419 -23.36 15.75 -3.75
CA VAL A 419 -23.77 16.81 -4.68
C VAL A 419 -25.21 16.56 -5.09
N TYR A 420 -26.09 17.51 -4.76
CA TYR A 420 -27.49 17.44 -5.16
C TYR A 420 -27.70 18.15 -6.49
N ASN A 421 -28.55 17.56 -7.33
CA ASN A 421 -28.90 18.12 -8.64
C ASN A 421 -30.37 18.54 -8.59
N CYS A 422 -30.62 19.72 -8.04
CA CYS A 422 -31.99 20.22 -7.92
C CYS A 422 -32.53 20.64 -9.28
N SER A 423 -33.86 20.64 -9.38
CA SER A 423 -34.56 20.99 -10.61
C SER A 423 -35.04 22.44 -10.62
N SER A 424 -35.74 22.86 -9.57
CA SER A 424 -36.30 24.20 -9.48
C SER A 424 -35.57 25.03 -8.44
N GLU A 425 -35.72 26.36 -8.56
CA GLU A 425 -35.10 27.26 -7.60
C GLU A 425 -35.72 27.11 -6.21
N GLU A 426 -37.01 26.80 -6.14
CA GLU A 426 -37.63 26.56 -4.84
C GLU A 426 -37.16 25.26 -4.22
N GLU A 427 -36.74 24.29 -5.04
CA GLU A 427 -36.27 23.01 -4.51
C GLU A 427 -34.87 23.14 -3.91
N ALA A 428 -34.01 23.96 -4.51
CA ALA A 428 -32.67 24.14 -3.97
C ALA A 428 -32.69 24.86 -2.63
N GLN A 429 -33.68 25.71 -2.40
CA GLN A 429 -33.81 26.36 -1.09
C GLN A 429 -34.21 25.36 -0.02
N GLN A 430 -34.91 24.30 -0.40
CA GLN A 430 -35.23 23.24 0.56
C GLN A 430 -34.00 22.39 0.87
N VAL A 431 -33.23 22.05 -0.16
CA VAL A 431 -32.00 21.29 0.06
C VAL A 431 -31.03 22.09 0.93
N ALA A 432 -30.94 23.39 0.69
CA ALA A 432 -30.11 24.26 1.52
C ALA A 432 -30.60 24.34 2.97
N SER A 433 -31.79 23.81 3.25
CA SER A 433 -32.35 23.75 4.59
C SER A 433 -32.46 22.29 5.05
N GLY A 434 -33.11 22.09 6.19
CA GLY A 434 -33.17 20.77 6.80
C GLY A 434 -34.02 19.75 6.06
N VAL A 435 -34.81 20.19 5.09
CA VAL A 435 -35.71 19.29 4.38
C VAL A 435 -34.96 18.63 3.22
N THR A 436 -34.96 17.30 3.20
CA THR A 436 -34.27 16.52 2.16
C THR A 436 -35.26 15.53 1.57
N LEU A 437 -35.86 15.89 0.44
CA LEU A 437 -36.75 15.00 -0.27
C LEU A 437 -35.95 13.95 -1.03
N GLU A 438 -36.66 13.12 -1.81
CA GLU A 438 -35.98 12.16 -2.68
C GLU A 438 -35.32 12.90 -3.85
N VAL A 439 -34.09 13.33 -3.66
CA VAL A 439 -33.35 14.08 -4.66
C VAL A 439 -32.05 13.34 -4.97
N ALA A 440 -31.60 13.46 -6.22
CA ALA A 440 -30.38 12.78 -6.63
C ALA A 440 -29.17 13.42 -5.95
N TYR A 441 -28.37 12.60 -5.29
CA TYR A 441 -27.17 13.08 -4.60
C TYR A 441 -25.97 12.26 -5.08
N GLU A 442 -25.14 12.87 -5.94
CA GLU A 442 -23.88 12.27 -6.35
C GLU A 442 -22.84 12.51 -5.26
N SER A 443 -21.91 11.56 -5.13
CA SER A 443 -20.87 11.62 -4.11
C SER A 443 -19.55 12.02 -4.76
N THR A 444 -18.93 13.07 -4.24
CA THR A 444 -17.67 13.58 -4.76
C THR A 444 -16.67 13.76 -3.63
N ASP A 445 -15.49 14.26 -3.95
CA ASP A 445 -14.41 14.46 -3.00
C ASP A 445 -13.93 15.90 -2.93
N HIS A 446 -13.70 16.53 -4.07
CA HIS A 446 -13.06 17.83 -4.11
C HIS A 446 -13.57 18.61 -5.32
N GLU A 447 -12.94 19.77 -5.56
CA GLU A 447 -13.41 20.69 -6.60
C GLU A 447 -13.43 20.02 -7.97
N LYS A 448 -14.30 20.52 -8.83
CA LYS A 448 -14.51 19.97 -10.17
C LYS A 448 -14.45 21.08 -11.20
N LEU A 449 -14.53 20.67 -12.47
CA LEU A 449 -14.53 21.55 -13.64
C LEU A 449 -13.18 22.24 -13.87
N ALA A 450 -12.36 22.33 -12.81
CA ALA A 450 -11.09 23.04 -12.86
C ALA A 450 -11.28 24.49 -13.30
N ASN A 451 -12.16 25.19 -12.60
CA ASN A 451 -12.50 26.59 -12.87
C ASN A 451 -12.95 26.79 -14.32
N PHE A 477 -29.39 23.56 -11.13
CA PHE A 477 -29.21 24.14 -9.81
C PHE A 477 -28.52 23.15 -8.86
N PRO A 478 -27.19 23.09 -8.93
CA PRO A 478 -26.46 22.13 -8.11
C PRO A 478 -26.12 22.67 -6.73
N VAL A 479 -26.40 21.89 -5.69
CA VAL A 479 -26.11 22.26 -4.31
C VAL A 479 -25.14 21.26 -3.73
N TYR A 480 -23.95 21.72 -3.37
CA TYR A 480 -22.90 20.87 -2.83
C TYR A 480 -22.94 20.91 -1.31
N THR A 481 -22.88 19.74 -0.67
CA THR A 481 -22.97 19.64 0.77
C THR A 481 -21.77 18.88 1.34
N THR A 482 -21.52 19.11 2.62
CA THR A 482 -20.46 18.42 3.36
C THR A 482 -20.96 18.18 4.78
N THR A 483 -21.14 16.91 5.15
CA THR A 483 -21.79 16.54 6.40
C THR A 483 -20.77 16.05 7.41
N CYS A 484 -20.82 16.62 8.62
CA CYS A 484 -20.05 16.16 9.75
C CYS A 484 -21.00 15.65 10.84
N TYR A 485 -20.53 14.67 11.60
CA TYR A 485 -21.36 14.03 12.62
C TYR A 485 -20.76 14.24 14.00
N ILE A 486 -21.61 14.12 15.01
CA ILE A 486 -21.23 14.21 16.42
C ILE A 486 -22.05 13.19 17.18
N GLY A 487 -21.39 12.16 17.71
CA GLY A 487 -22.09 11.17 18.52
C GLY A 487 -22.49 11.74 19.87
N LEU A 488 -23.57 11.18 20.42
CA LEU A 488 -24.13 11.68 21.67
C LEU A 488 -24.45 10.52 22.61
N GLU A 489 -23.98 10.63 23.86
CA GLU A 489 -24.38 9.74 24.94
C GLU A 489 -25.12 10.58 25.98
N LEU A 490 -26.38 10.21 26.24
CA LEU A 490 -27.26 11.05 27.04
C LEU A 490 -27.19 10.69 28.52
N GLU A 491 -27.22 11.71 29.37
CA GLU A 491 -27.14 11.51 30.81
C GLU A 491 -28.45 10.99 31.38
N LYS A 492 -29.56 11.68 31.09
CA LYS A 492 -30.90 11.33 31.56
C LYS A 492 -30.94 11.08 33.06
N ILE A 498 -36.25 15.50 30.53
CA ILE A 498 -36.78 14.15 30.72
C ILE A 498 -37.59 13.74 29.49
N LYS A 499 -38.66 14.48 29.20
CA LYS A 499 -39.51 14.13 28.07
C LYS A 499 -38.84 14.49 26.74
N ARG A 500 -38.10 15.60 26.71
CA ARG A 500 -37.43 16.04 25.49
C ARG A 500 -36.16 16.77 25.87
N LEU A 501 -35.32 17.02 24.85
CA LEU A 501 -34.08 17.74 25.02
C LEU A 501 -34.01 18.85 23.98
N ASP A 502 -33.60 20.04 24.42
CA ASP A 502 -33.51 21.21 23.56
C ASP A 502 -32.08 21.70 23.52
N ILE A 503 -31.43 21.56 22.36
CA ILE A 503 -30.08 22.06 22.16
C ILE A 503 -30.12 23.28 21.24
N SER A 504 -31.21 24.05 21.33
CA SER A 504 -31.38 25.19 20.46
C SER A 504 -30.34 26.27 20.71
N TRP A 505 -29.87 26.41 21.96
CA TRP A 505 -28.90 27.47 22.25
C TRP A 505 -27.53 27.18 21.64
N PRO A 506 -26.94 25.99 21.80
CA PRO A 506 -25.64 25.75 21.14
C PRO A 506 -25.73 25.77 19.63
N THR A 507 -26.85 25.34 19.05
CA THR A 507 -26.99 25.34 17.60
C THR A 507 -27.10 26.76 17.06
N GLN A 508 -27.78 27.65 17.79
CA GLN A 508 -27.90 29.03 17.34
C GLN A 508 -26.58 29.77 17.47
N GLU A 509 -25.84 29.53 18.56
CA GLU A 509 -24.50 30.11 18.68
C GLU A 509 -23.58 29.60 17.59
N PHE A 510 -23.69 28.31 17.26
CA PHE A 510 -22.87 27.75 16.19
C PHE A 510 -23.20 28.37 14.84
N TYR A 511 -24.47 28.72 14.62
CA TYR A 511 -24.85 29.38 13.38
C TYR A 511 -24.19 30.75 13.27
N GLU A 512 -24.32 31.58 14.31
CA GLU A 512 -23.72 32.90 14.29
C GLU A 512 -22.20 32.82 14.25
N LEU A 513 -21.62 31.79 14.89
CA LEU A 513 -20.17 31.67 14.91
C LEU A 513 -19.63 31.32 13.53
N CYS A 514 -20.38 30.57 12.72
CA CYS A 514 -19.95 30.28 11.36
C CYS A 514 -20.22 31.43 10.42
N LYS A 515 -21.35 32.13 10.61
CA LYS A 515 -21.73 33.25 9.76
C LYS A 515 -20.99 34.53 10.11
N LYS A 516 -20.29 34.57 11.25
CA LYS A 516 -19.43 35.70 11.57
C LYS A 516 -18.18 35.74 10.68
N TRP A 517 -17.89 34.66 9.97
CA TRP A 517 -16.76 34.61 9.06
C TRP A 517 -16.79 35.77 8.08
N ASP A 518 -15.63 36.41 7.89
CA ASP A 518 -15.57 37.59 7.02
C ASP A 518 -15.74 37.23 5.55
N LYS A 519 -15.42 36.00 5.17
CA LYS A 519 -15.58 35.54 3.78
C LYS A 519 -16.83 34.67 3.65
N TYR A 520 -17.98 35.29 3.91
CA TYR A 520 -19.24 34.58 3.91
C TYR A 520 -20.35 35.50 3.42
N ASP A 521 -21.35 34.92 2.76
CA ASP A 521 -22.55 35.63 2.38
C ASP A 521 -23.69 34.61 2.28
N ASP A 522 -24.82 34.92 2.90
CA ASP A 522 -25.94 33.99 2.90
C ASP A 522 -26.61 33.87 1.54
N THR A 523 -26.10 34.56 0.51
CA THR A 523 -26.60 34.36 -0.84
C THR A 523 -25.99 33.14 -1.52
N LEU A 524 -24.87 32.65 -1.00
CA LEU A 524 -24.16 31.51 -1.57
C LEU A 524 -24.00 30.34 -0.61
N MET A 525 -23.80 30.61 0.68
CA MET A 525 -23.46 29.59 1.64
C MET A 525 -24.50 29.53 2.76
N ASN A 526 -24.56 28.37 3.41
CA ASN A 526 -25.47 28.16 4.53
C ASN A 526 -24.97 26.96 5.33
N VAL A 527 -25.52 26.81 6.53
CA VAL A 527 -25.17 25.71 7.43
C VAL A 527 -26.34 25.45 8.36
N PHE A 528 -26.64 24.16 8.56
CA PHE A 528 -27.72 23.78 9.45
C PHE A 528 -27.36 22.47 10.15
N ILE A 529 -28.10 22.18 11.22
CA ILE A 529 -27.86 21.01 12.06
C ILE A 529 -29.18 20.23 12.19
N LYS A 530 -29.09 18.91 12.16
CA LYS A 530 -30.26 18.05 12.29
C LYS A 530 -29.96 16.89 13.21
N ASN A 531 -31.02 16.25 13.69
CA ASN A 531 -30.92 15.07 14.54
C ASN A 531 -31.05 13.80 13.69
N THR A 532 -30.44 12.73 14.16
CA THR A 532 -30.48 11.45 13.47
C THR A 532 -30.37 10.33 14.47
N LYS A 533 -31.29 9.37 14.40
CA LYS A 533 -31.26 8.21 15.28
C LYS A 533 -30.40 7.11 14.66
N ASN A 534 -30.27 5.99 15.38
CA ASN A 534 -29.50 4.86 14.86
C ASN A 534 -30.08 4.37 13.55
N THR A 535 -31.41 4.17 13.50
CA THR A 535 -32.05 3.64 12.31
C THR A 535 -32.12 4.67 11.19
N ALA A 536 -32.05 5.96 11.50
CA ALA A 536 -32.20 7.02 10.51
C ALA A 536 -30.88 7.39 9.83
N LEU A 537 -29.78 6.71 10.16
CA LEU A 537 -28.51 7.04 9.54
C LEU A 537 -28.55 6.76 8.04
N PRO A 538 -27.90 7.59 7.23
CA PRO A 538 -27.91 7.35 5.78
C PRO A 538 -27.08 6.14 5.41
N ASP A 539 -27.26 5.70 4.16
CA ASP A 539 -26.52 4.53 3.67
C ASP A 539 -25.06 4.85 3.40
N GLU A 540 -24.70 6.13 3.29
CA GLU A 540 -23.34 6.49 2.95
C GLU A 540 -22.36 6.16 4.07
N VAL A 541 -22.80 6.28 5.33
CA VAL A 541 -21.91 6.06 6.46
C VAL A 541 -21.53 4.60 6.65
N PHE A 542 -22.20 3.69 5.95
CA PHE A 542 -21.91 2.26 6.05
C PHE A 542 -21.27 1.78 4.76
N GLU A 543 -20.13 1.10 4.88
CA GLU A 543 -19.53 0.45 3.74
C GLU A 543 -20.31 -0.80 3.38
N PRO A 544 -20.21 -1.27 2.13
CA PRO A 544 -20.98 -2.45 1.72
C PRO A 544 -20.71 -3.64 2.62
N GLY A 545 -21.79 -4.24 3.12
CA GLY A 545 -21.71 -5.39 3.99
C GLY A 545 -21.98 -5.11 5.45
N GLU A 546 -21.85 -3.86 5.89
CA GLU A 546 -22.09 -3.53 7.29
C GLU A 546 -23.54 -3.74 7.66
N GLU A 547 -23.78 -4.02 8.94
CA GLU A 547 -25.12 -4.24 9.48
C GLU A 547 -25.59 -2.94 10.15
N ARG A 548 -26.61 -2.32 9.58
CA ARG A 548 -27.14 -1.08 10.15
C ARG A 548 -27.81 -1.37 11.49
N PRO A 549 -27.76 -0.41 12.43
CA PRO A 549 -28.44 -0.60 13.72
C PRO A 549 -29.95 -0.70 13.53
N LYS A 550 -30.51 -1.83 13.95
CA LYS A 550 -31.95 -2.04 13.85
C LYS A 550 -32.69 -1.80 15.16
N ALA A 551 -31.97 -1.73 16.28
CA ALA A 551 -32.56 -1.45 17.59
C ALA A 551 -33.66 -2.46 17.94
N ILE B 5 -28.30 33.97 -25.65
CA ILE B 5 -29.49 33.40 -26.27
C ILE B 5 -29.78 32.03 -25.64
N SER B 6 -28.84 31.53 -24.86
CA SER B 6 -28.99 30.25 -24.18
C SER B 6 -29.81 30.46 -22.92
N LEU B 7 -31.11 30.18 -23.00
CA LEU B 7 -31.99 30.44 -21.87
C LEU B 7 -31.67 29.61 -20.63
N PRO B 8 -31.33 28.31 -20.71
CA PRO B 8 -30.96 27.60 -19.48
C PRO B 8 -29.69 28.13 -18.84
N LEU B 9 -28.70 28.53 -19.64
CA LEU B 9 -27.47 29.08 -19.07
C LEU B 9 -27.70 30.44 -18.44
N LEU B 10 -28.59 31.25 -19.00
CA LEU B 10 -28.92 32.54 -18.40
C LEU B 10 -29.61 32.38 -17.06
N LYS B 11 -30.42 31.32 -16.91
CA LYS B 11 -31.06 31.07 -15.62
C LYS B 11 -30.05 30.58 -14.59
N GLN B 12 -28.97 29.94 -15.03
CA GLN B 12 -27.92 29.54 -14.11
C GLN B 12 -27.15 30.75 -13.58
N ASP B 13 -26.78 31.66 -14.48
CA ASP B 13 -26.08 32.88 -14.06
C ASP B 13 -26.95 33.71 -13.14
N ASP B 14 -28.26 33.76 -13.41
CA ASP B 14 -29.18 34.43 -12.49
C ASP B 14 -29.24 33.72 -11.15
N TRP B 15 -29.03 32.40 -11.14
CA TRP B 15 -29.01 31.65 -9.89
C TRP B 15 -27.73 31.88 -9.10
N LEU B 16 -26.60 32.08 -9.78
CA LEU B 16 -25.35 32.31 -9.07
C LEU B 16 -25.31 33.71 -8.48
N SER B 17 -25.69 34.72 -9.27
CA SER B 17 -25.69 36.11 -8.81
C SER B 17 -26.93 36.46 -8.00
N SER B 18 -27.78 35.48 -7.69
CA SER B 18 -29.00 35.75 -6.93
C SER B 18 -28.66 36.29 -5.54
N SER B 19 -29.28 37.41 -5.18
CA SER B 19 -29.07 38.04 -3.88
C SER B 19 -30.01 37.51 -2.81
N LYS B 20 -30.87 36.55 -3.13
CA LYS B 20 -31.77 36.00 -2.14
C LYS B 20 -31.00 35.12 -1.16
N PRO B 21 -31.46 35.03 0.09
CA PRO B 21 -30.75 34.20 1.07
C PRO B 21 -30.83 32.72 0.73
N PHE B 22 -29.75 32.02 1.03
CA PHE B 22 -29.64 30.58 0.76
C PHE B 22 -30.11 29.82 2.00
N GLY B 23 -31.29 29.22 1.90
CA GLY B 23 -31.84 28.43 2.99
C GLY B 23 -32.15 29.24 4.24
N SER B 24 -32.52 28.49 5.28
CA SER B 24 -32.81 29.07 6.59
C SER B 24 -32.36 28.07 7.66
N SER B 25 -32.67 28.38 8.92
CA SER B 25 -32.27 27.53 10.03
C SER B 25 -33.43 27.39 11.00
N THR B 26 -33.38 26.33 11.80
CA THR B 26 -34.41 26.02 12.79
C THR B 26 -33.74 25.46 14.04
N PRO B 27 -34.38 25.63 15.21
CA PRO B 27 -33.84 25.02 16.43
C PRO B 27 -34.09 23.52 16.46
N ASN B 28 -33.16 22.80 17.05
CA ASN B 28 -33.19 21.34 17.10
C ASN B 28 -33.80 20.86 18.41
N VAL B 29 -34.26 19.60 18.38
CA VAL B 29 -34.87 18.99 19.56
C VAL B 29 -34.83 17.47 19.45
N VAL B 30 -34.31 16.80 20.48
CA VAL B 30 -34.26 15.35 20.54
C VAL B 30 -35.30 14.87 21.54
N ILE B 31 -35.98 13.77 21.24
CA ILE B 31 -37.17 13.35 21.96
C ILE B 31 -36.89 12.08 22.74
N GLU B 32 -37.23 12.09 24.03
CA GLU B 32 -37.17 10.93 24.91
C GLU B 32 -35.75 10.56 25.34
N PHE B 33 -35.59 10.16 26.59
CA PHE B 33 -34.40 9.46 27.04
C PHE B 33 -34.47 7.95 26.76
N ASP B 34 -35.49 7.51 26.02
CA ASP B 34 -35.55 6.17 25.44
C ASP B 34 -35.63 5.09 26.52
N SER B 35 -36.58 5.25 27.44
CA SER B 35 -36.99 4.16 28.32
C SER B 35 -38.10 3.32 27.70
N ASP B 36 -38.90 3.93 26.82
CA ASP B 36 -39.86 3.22 26.00
C ASP B 36 -39.34 3.16 24.57
N ASP B 37 -39.70 2.06 23.87
CA ASP B 37 -39.17 1.79 22.53
C ASP B 37 -37.65 1.71 22.54
N ASP B 38 -37.12 0.86 23.42
CA ASP B 38 -35.68 0.68 23.52
C ASP B 38 -35.15 -0.09 22.30
N GLY B 39 -33.83 -0.18 22.22
CA GLY B 39 -33.18 -0.89 21.14
C GLY B 39 -33.14 -2.38 21.35
N GLN C 14 -15.75 -6.37 -33.59
CA GLN C 14 -15.56 -7.79 -33.31
C GLN C 14 -14.22 -8.04 -32.64
N TRP C 15 -14.26 -8.40 -31.36
CA TRP C 15 -13.07 -8.68 -30.57
C TRP C 15 -13.14 -10.12 -30.06
N GLY C 16 -12.13 -10.91 -30.41
CA GLY C 16 -12.08 -12.30 -30.03
C GLY C 16 -12.48 -13.22 -31.16
N ILE C 17 -12.70 -14.50 -30.80
CA ILE C 17 -13.10 -15.51 -31.76
C ILE C 17 -14.60 -15.72 -31.79
N THR C 18 -15.36 -15.01 -30.95
CA THR C 18 -16.80 -15.11 -30.89
C THR C 18 -17.39 -13.71 -30.78
N PRO C 19 -18.64 -13.53 -31.18
CA PRO C 19 -19.29 -12.24 -30.96
C PRO C 19 -19.42 -11.96 -29.48
N PRO C 20 -19.36 -10.69 -29.09
CA PRO C 20 -19.38 -10.36 -27.65
C PRO C 20 -20.73 -10.69 -27.01
N ILE C 21 -20.70 -10.76 -25.68
CA ILE C 21 -21.91 -11.07 -24.93
C ILE C 21 -22.79 -9.83 -24.80
N SER C 22 -22.21 -8.71 -24.40
CA SER C 22 -22.96 -7.47 -24.22
C SER C 22 -22.08 -6.29 -24.60
N THR C 23 -22.61 -5.43 -25.48
CA THR C 23 -21.94 -4.20 -25.86
C THR C 23 -22.47 -2.99 -25.08
N ALA C 24 -23.30 -3.23 -24.07
CA ALA C 24 -23.88 -2.12 -23.32
C ALA C 24 -22.81 -1.44 -22.46
N PRO C 25 -22.87 -0.11 -22.31
CA PRO C 25 -21.88 0.59 -21.46
C PRO C 25 -22.12 0.33 -19.98
N ALA C 26 -21.21 0.81 -19.13
CA ALA C 26 -21.37 0.63 -17.68
C ALA C 26 -22.37 1.64 -17.11
N THR C 27 -23.18 1.18 -16.15
CA THR C 27 -24.17 2.03 -15.53
C THR C 27 -23.55 2.83 -14.39
N GLU C 28 -24.38 3.64 -13.72
CA GLU C 28 -23.91 4.42 -12.59
C GLU C 28 -23.46 3.53 -11.45
N GLN C 29 -24.26 2.50 -11.13
CA GLN C 29 -23.91 1.61 -10.03
C GLN C 29 -22.65 0.80 -10.34
N GLU C 30 -22.42 0.47 -11.62
CA GLU C 30 -21.23 -0.28 -11.98
C GLU C 30 -19.98 0.59 -11.91
N ASN C 31 -20.09 1.87 -12.32
CA ASN C 31 -18.94 2.76 -12.26
C ASN C 31 -18.57 3.08 -10.81
N ALA C 32 -19.56 3.19 -9.93
CA ALA C 32 -19.26 3.40 -8.52
C ALA C 32 -18.52 2.21 -7.92
N LEU C 33 -18.93 0.99 -8.31
CA LEU C 33 -18.21 -0.19 -7.88
C LEU C 33 -16.84 -0.29 -8.54
N ASN C 34 -16.71 0.23 -9.76
CA ASN C 34 -15.40 0.29 -10.41
C ASN C 34 -14.45 1.20 -9.63
N THR C 35 -14.97 2.34 -9.16
CA THR C 35 -14.14 3.23 -8.35
C THR C 35 -13.79 2.59 -7.01
N ALA C 36 -14.72 1.84 -6.42
CA ALA C 36 -14.44 1.17 -5.16
C ALA C 36 -13.39 0.08 -5.33
N LEU C 37 -13.43 -0.63 -6.46
CA LEU C 37 -12.44 -1.66 -6.73
C LEU C 37 -11.05 -1.05 -6.90
N ILE C 38 -10.96 0.06 -7.64
CA ILE C 38 -9.66 0.70 -7.83
C ILE C 38 -9.12 1.23 -6.51
N ASN C 39 -9.99 1.82 -5.68
CA ASN C 39 -9.58 2.27 -4.36
C ASN C 39 -9.16 1.10 -3.48
N GLU C 40 -9.75 -0.08 -3.69
CA GLU C 40 -9.38 -1.24 -2.90
C GLU C 40 -7.98 -1.73 -3.25
N LEU C 41 -7.65 -1.75 -4.55
CA LEU C 41 -6.34 -2.23 -4.97
C LEU C 41 -5.23 -1.31 -4.47
N LYS C 42 -5.52 -0.02 -4.29
CA LYS C 42 -4.52 0.91 -3.79
C LYS C 42 -4.19 0.63 -2.33
N ASN C 43 -5.21 0.43 -1.50
CA ASN C 43 -4.99 0.20 -0.08
C ASN C 43 -4.25 -1.11 0.16
N GLN C 44 -4.40 -2.07 -0.74
CA GLN C 44 -3.70 -3.35 -0.63
C GLN C 44 -2.25 -3.26 -1.09
N ASN C 45 -1.76 -2.06 -1.41
CA ASN C 45 -0.40 -1.85 -1.89
C ASN C 45 -0.14 -2.64 -3.16
N LEU C 46 -0.67 -2.16 -4.29
CA LEU C 46 -0.51 -2.84 -5.57
C LEU C 46 -0.29 -1.85 -6.72
N PHE C 47 0.33 -0.69 -6.43
CA PHE C 47 0.44 0.34 -7.45
C PHE C 47 1.78 1.06 -7.47
N GLU C 48 2.76 0.64 -6.66
CA GLU C 48 4.10 1.23 -6.63
C GLU C 48 3.96 2.72 -6.34
N SER C 49 4.44 3.60 -7.21
CA SER C 49 4.43 5.05 -7.06
C SER C 49 4.90 5.67 -8.36
N PRO C 50 4.51 6.90 -8.68
CA PRO C 50 4.99 7.52 -9.93
C PRO C 50 6.50 7.67 -9.98
N ALA C 51 7.15 7.86 -8.84
CA ALA C 51 8.61 8.01 -8.82
C ALA C 51 9.29 6.67 -9.10
N GLU C 52 8.72 5.57 -8.60
CA GLU C 52 9.33 4.26 -8.84
C GLU C 52 9.24 3.87 -10.30
N SER C 53 8.15 4.24 -10.97
CA SER C 53 8.02 3.95 -12.39
C SER C 53 8.98 4.81 -13.22
N GLU C 54 9.17 6.07 -12.82
CA GLU C 54 10.15 6.92 -13.49
C GLU C 54 11.55 6.34 -13.36
N LYS C 55 11.87 5.74 -12.21
CA LYS C 55 13.16 5.10 -12.05
C LYS C 55 13.30 3.89 -12.95
N ARG C 56 12.20 3.20 -13.25
CA ARG C 56 12.27 2.01 -14.10
C ARG C 56 12.53 2.38 -15.55
N VAL C 57 11.94 3.48 -16.03
CA VAL C 57 12.17 3.90 -17.41
C VAL C 57 13.63 4.31 -17.60
N LYS C 58 14.21 4.97 -16.60
CA LYS C 58 15.63 5.33 -16.69
C LYS C 58 16.52 4.10 -16.66
N VAL C 59 16.09 3.03 -15.99
CA VAL C 59 16.88 1.81 -15.96
C VAL C 59 16.86 1.11 -17.31
N LEU C 60 15.68 1.00 -17.93
CA LEU C 60 15.59 0.30 -19.20
C LEU C 60 16.26 1.09 -20.32
N ASP C 61 16.17 2.41 -20.29
CA ASP C 61 16.89 3.21 -21.28
C ASP C 61 18.39 3.18 -21.05
N GLU C 62 18.82 2.99 -19.79
CA GLU C 62 20.24 2.85 -19.52
C GLU C 62 20.77 1.52 -20.07
N LEU C 63 20.01 0.43 -19.87
CA LEU C 63 20.39 -0.84 -20.46
C LEU C 63 20.33 -0.80 -21.98
N GLN C 64 19.41 0.01 -22.54
CA GLN C 64 19.37 0.20 -23.98
C GLN C 64 20.67 0.85 -24.47
N GLN C 65 21.23 1.77 -23.68
CA GLN C 65 22.51 2.38 -24.03
C GLN C 65 23.63 1.37 -23.98
N ILE C 66 23.63 0.49 -22.97
CA ILE C 66 24.63 -0.56 -22.89
C ILE C 66 24.39 -1.61 -23.96
N THR C 67 23.15 -1.77 -24.41
CA THR C 67 22.85 -2.71 -25.49
C THR C 67 23.55 -2.30 -26.77
N THR C 68 23.48 -1.01 -27.12
CA THR C 68 24.26 -0.50 -28.24
C THR C 68 25.74 -0.68 -28.00
N GLU C 69 26.19 -0.51 -26.75
CA GLU C 69 27.59 -0.74 -26.41
C GLU C 69 27.93 -2.22 -26.56
N PHE C 70 27.11 -3.11 -26.00
CA PHE C 70 27.39 -4.54 -26.08
C PHE C 70 27.47 -5.01 -27.53
N VAL C 71 26.43 -4.73 -28.32
CA VAL C 71 26.40 -5.19 -29.71
C VAL C 71 27.56 -4.62 -30.49
N LYS C 72 27.92 -3.36 -30.24
CA LYS C 72 29.00 -2.74 -31.00
C LYS C 72 30.37 -3.28 -30.59
N LYS C 73 30.58 -3.50 -29.29
CA LYS C 73 31.86 -4.02 -28.83
C LYS C 73 32.08 -5.45 -29.34
N VAL C 74 31.02 -6.24 -29.42
CA VAL C 74 31.15 -7.57 -29.99
C VAL C 74 31.24 -7.50 -31.51
N SER C 75 30.50 -6.56 -32.12
CA SER C 75 30.56 -6.42 -33.57
C SER C 75 31.93 -5.97 -34.05
N LEU C 76 32.64 -5.20 -33.22
CA LEU C 76 33.91 -4.64 -33.65
C LEU C 76 35.08 -5.58 -33.41
N ALA C 77 34.99 -6.44 -32.38
CA ALA C 77 36.01 -7.46 -32.20
C ALA C 77 36.09 -8.38 -33.42
N LYS C 78 34.94 -8.77 -33.96
CA LYS C 78 34.91 -9.44 -35.25
C LYS C 78 35.28 -8.43 -36.34
N HIS C 79 36.40 -8.69 -37.01
CA HIS C 79 37.10 -7.64 -37.77
C HIS C 79 36.30 -7.12 -38.95
N MET C 80 35.26 -7.83 -39.40
CA MET C 80 34.69 -7.56 -40.71
C MET C 80 33.97 -6.20 -40.76
N ASN C 81 33.20 -5.87 -39.73
CA ASN C 81 32.36 -4.67 -39.77
C ASN C 81 33.16 -3.44 -39.32
N GLU C 82 33.07 -2.36 -40.11
CA GLU C 82 33.69 -1.09 -39.77
C GLU C 82 32.71 0.05 -39.91
N LYS C 83 31.81 -0.04 -40.90
CA LYS C 83 30.67 0.87 -40.99
C LYS C 83 29.38 0.22 -40.51
N MET C 84 29.18 -1.07 -40.80
CA MET C 84 28.10 -1.83 -40.17
C MET C 84 28.26 -1.90 -38.66
N ALA C 85 29.49 -1.74 -38.17
CA ALA C 85 29.75 -1.54 -36.74
C ALA C 85 28.78 -0.55 -36.13
N ASN C 86 28.75 0.67 -36.68
CA ASN C 86 27.84 1.71 -36.22
C ASN C 86 26.40 1.44 -36.61
N GLU C 87 26.15 0.42 -37.42
CA GLU C 87 24.81 0.13 -37.93
C GLU C 87 24.25 -1.20 -37.48
N ALA C 88 25.02 -2.02 -36.75
CA ALA C 88 24.50 -3.31 -36.29
C ALA C 88 23.31 -3.13 -35.36
N GLY C 89 23.27 -2.03 -34.62
CA GLY C 89 22.08 -1.73 -33.85
C GLY C 89 21.98 -2.61 -32.63
N GLY C 90 20.81 -3.21 -32.43
CA GLY C 90 20.53 -3.96 -31.22
C GLY C 90 19.44 -3.30 -30.41
N LYS C 91 18.65 -4.10 -29.68
CA LYS C 91 17.54 -3.54 -28.93
C LYS C 91 17.16 -4.49 -27.80
N ILE C 92 16.77 -3.92 -26.65
CA ILE C 92 16.34 -4.68 -25.50
C ILE C 92 14.83 -4.48 -25.33
N PHE C 93 14.13 -5.57 -25.06
CA PHE C 93 12.68 -5.56 -24.87
C PHE C 93 12.34 -5.91 -23.44
N THR C 94 11.04 -5.88 -23.14
CA THR C 94 10.53 -6.25 -21.83
C THR C 94 9.28 -7.10 -22.01
N TYR C 95 9.04 -7.98 -21.05
CA TYR C 95 7.86 -8.85 -21.08
C TYR C 95 7.46 -9.16 -19.65
N GLY C 96 6.52 -10.10 -19.50
CA GLY C 96 6.07 -10.51 -18.19
C GLY C 96 5.11 -9.53 -17.54
N SER C 97 5.23 -9.36 -16.21
CA SER C 97 4.33 -8.47 -15.50
C SER C 97 4.58 -7.00 -15.80
N TYR C 98 5.80 -6.64 -16.23
CA TYR C 98 6.12 -5.24 -16.43
C TYR C 98 5.39 -4.66 -17.63
N ARG C 99 5.60 -5.24 -18.81
CA ARG C 99 5.03 -4.67 -20.03
C ARG C 99 3.51 -4.70 -20.00
N LEU C 100 2.92 -5.63 -19.24
CA LEU C 100 1.48 -5.64 -19.06
C LEU C 100 0.98 -4.44 -18.26
N GLY C 101 1.88 -3.70 -17.60
CA GLY C 101 1.46 -2.63 -16.73
C GLY C 101 0.90 -3.06 -15.40
N VAL C 102 0.79 -4.36 -15.15
CA VAL C 102 0.25 -4.90 -13.91
C VAL C 102 1.43 -5.46 -13.12
N TYR C 103 1.92 -4.66 -12.17
CA TYR C 103 3.08 -5.06 -11.37
C TYR C 103 3.11 -4.22 -10.10
N GLY C 104 3.38 -4.88 -8.97
CA GLY C 104 3.44 -4.22 -7.70
C GLY C 104 4.84 -3.87 -7.30
N PRO C 105 5.00 -3.28 -6.11
CA PRO C 105 6.34 -2.88 -5.65
C PRO C 105 7.26 -4.07 -5.47
N GLY C 106 8.53 -3.88 -5.82
CA GLY C 106 9.54 -4.90 -5.66
C GLY C 106 9.51 -6.01 -6.69
N SER C 107 8.60 -5.95 -7.66
CA SER C 107 8.52 -6.98 -8.68
C SER C 107 9.66 -6.83 -9.69
N ASP C 108 10.22 -7.95 -10.09
CA ASP C 108 11.32 -7.94 -11.05
C ASP C 108 10.79 -7.64 -12.46
N ILE C 109 11.66 -7.10 -13.30
CA ILE C 109 11.33 -6.78 -14.68
C ILE C 109 11.89 -7.89 -15.57
N ASP C 110 11.01 -8.56 -16.31
CA ASP C 110 11.41 -9.62 -17.23
C ASP C 110 11.87 -8.97 -18.52
N THR C 111 13.17 -8.91 -18.74
CA THR C 111 13.76 -8.27 -19.90
C THR C 111 14.22 -9.29 -20.93
N LEU C 112 14.61 -8.78 -22.09
CA LEU C 112 15.02 -9.63 -23.21
C LEU C 112 15.88 -8.81 -24.15
N VAL C 113 17.03 -9.34 -24.54
CA VAL C 113 17.96 -8.67 -25.44
C VAL C 113 17.91 -9.34 -26.80
N VAL C 114 17.84 -8.53 -27.86
CA VAL C 114 17.80 -9.00 -29.23
C VAL C 114 19.10 -8.60 -29.92
N VAL C 115 19.86 -9.58 -30.35
CA VAL C 115 21.16 -9.34 -30.98
C VAL C 115 21.08 -9.83 -32.42
N PRO C 116 21.91 -9.28 -33.32
CA PRO C 116 21.89 -9.73 -34.71
C PRO C 116 22.55 -11.09 -34.92
N LYS C 117 22.97 -11.37 -36.16
CA LYS C 117 23.47 -12.70 -36.51
C LYS C 117 24.87 -12.96 -35.96
N HIS C 118 25.75 -11.96 -35.99
CA HIS C 118 27.14 -12.20 -35.61
C HIS C 118 27.30 -12.39 -34.11
N VAL C 119 26.41 -11.82 -33.30
CA VAL C 119 26.47 -11.99 -31.86
C VAL C 119 25.92 -13.35 -31.49
N SER C 120 26.69 -14.13 -30.74
CA SER C 120 26.34 -15.49 -30.36
C SER C 120 26.11 -15.58 -28.86
N ARG C 121 25.63 -16.75 -28.44
CA ARG C 121 25.37 -16.98 -27.02
C ARG C 121 26.64 -16.87 -26.19
N ASP C 122 27.76 -17.37 -26.72
CA ASP C 122 29.02 -17.32 -25.99
C ASP C 122 29.48 -15.88 -25.74
N ASN C 123 29.00 -14.92 -26.53
CA ASN C 123 29.32 -13.52 -26.29
C ASN C 123 28.44 -12.89 -25.22
N PHE C 124 27.31 -13.53 -24.88
CA PHE C 124 26.43 -12.98 -23.87
C PHE C 124 27.02 -13.08 -22.47
N PHE C 125 27.77 -14.15 -22.21
CA PHE C 125 28.37 -14.36 -20.89
C PHE C 125 29.85 -13.96 -20.83
N GLN C 126 30.56 -13.99 -21.96
CA GLN C 126 31.97 -13.61 -21.96
C GLN C 126 32.18 -12.12 -22.17
N ASP C 127 31.29 -11.45 -22.90
CA ASP C 127 31.43 -10.03 -23.19
C ASP C 127 30.54 -9.15 -22.31
N LEU C 128 29.25 -9.47 -22.21
CA LEU C 128 28.32 -8.59 -21.51
C LEU C 128 28.39 -8.73 -20.00
N GLU C 129 28.68 -9.93 -19.49
CA GLU C 129 28.71 -10.11 -18.04
C GLU C 129 29.72 -9.22 -17.34
N PRO C 130 30.96 -9.05 -17.81
CA PRO C 130 31.86 -8.07 -17.17
C PRO C 130 31.48 -6.63 -17.43
N MET C 131 30.61 -6.35 -18.40
CA MET C 131 30.19 -4.97 -18.65
C MET C 131 29.26 -4.47 -17.56
N LEU C 132 28.16 -5.19 -17.32
CA LEU C 132 27.19 -4.75 -16.32
C LEU C 132 27.78 -4.78 -14.92
N ARG C 133 28.77 -5.64 -14.67
CA ARG C 133 29.45 -5.62 -13.37
C ARG C 133 30.36 -4.41 -13.25
N GLU C 134 30.92 -3.92 -14.37
CA GLU C 134 31.83 -2.79 -14.33
C GLU C 134 31.14 -1.51 -13.87
N ARG C 135 29.87 -1.32 -14.24
CA ARG C 135 29.17 -0.09 -13.90
C ARG C 135 28.98 0.06 -12.39
N GLU C 136 28.90 -1.05 -11.66
CA GLU C 136 28.70 -1.07 -10.21
C GLU C 136 27.32 -0.55 -9.80
N GLU C 137 26.69 0.25 -10.66
CA GLU C 137 25.28 0.59 -10.47
C GLU C 137 24.45 -0.68 -10.34
N VAL C 138 24.92 -1.78 -10.92
CA VAL C 138 24.33 -3.10 -10.73
C VAL C 138 24.97 -3.75 -9.51
N THR C 139 24.14 -4.22 -8.58
CA THR C 139 24.60 -5.00 -7.46
C THR C 139 23.83 -6.31 -7.43
N ASP C 140 24.36 -7.29 -6.69
CA ASP C 140 23.76 -8.62 -6.57
C ASP C 140 23.60 -9.25 -7.95
N LEU C 141 24.66 -9.20 -8.74
CA LEU C 141 24.64 -9.75 -10.09
C LEU C 141 24.76 -11.27 -10.05
N ALA C 142 23.84 -11.95 -10.72
CA ALA C 142 23.81 -13.41 -10.75
C ALA C 142 23.67 -13.85 -12.21
N ALA C 143 24.78 -14.28 -12.81
CA ALA C 143 24.79 -14.83 -14.16
C ALA C 143 25.16 -16.31 -14.08
N VAL C 144 24.36 -17.15 -14.71
CA VAL C 144 24.54 -18.60 -14.65
C VAL C 144 24.66 -19.13 -16.07
N PRO C 145 25.76 -19.83 -16.41
CA PRO C 145 25.80 -20.58 -17.67
C PRO C 145 24.63 -21.54 -17.73
N ASP C 146 23.84 -21.40 -18.80
CA ASP C 146 22.52 -21.99 -18.83
C ASP C 146 22.49 -23.51 -18.66
N ALA C 147 22.24 -23.96 -17.44
CA ALA C 147 21.75 -25.32 -17.25
C ALA C 147 20.43 -25.49 -18.01
N TYR C 148 19.63 -24.43 -18.08
CA TYR C 148 18.38 -24.40 -18.83
C TYR C 148 18.53 -23.41 -19.99
N VAL C 149 17.68 -22.39 -20.08
CA VAL C 149 17.72 -21.41 -21.17
C VAL C 149 18.43 -20.17 -20.63
N PRO C 150 19.25 -19.45 -21.42
CA PRO C 150 20.06 -18.36 -20.85
C PRO C 150 19.24 -17.34 -20.07
N ILE C 151 19.72 -17.03 -18.86
CA ILE C 151 19.11 -16.03 -17.99
C ILE C 151 20.19 -15.43 -17.12
N ILE C 152 20.08 -14.12 -16.88
CA ILE C 152 20.99 -13.38 -15.99
C ILE C 152 20.14 -12.48 -15.10
N LYS C 153 20.21 -12.70 -13.79
CA LYS C 153 19.49 -11.89 -12.81
C LYS C 153 20.43 -10.88 -12.17
N PHE C 154 19.97 -9.64 -12.05
CA PHE C 154 20.79 -8.59 -11.48
C PHE C 154 19.89 -7.44 -11.05
N LYS C 155 20.41 -6.62 -10.13
CA LYS C 155 19.68 -5.46 -9.59
C LYS C 155 20.35 -4.19 -10.10
N PHE C 156 19.77 -3.60 -11.14
CA PHE C 156 20.23 -2.30 -11.64
C PHE C 156 19.63 -1.20 -10.76
N LEU C 157 20.47 -0.61 -9.90
CA LEU C 157 20.04 0.44 -8.97
C LEU C 157 18.95 -0.08 -8.03
N GLY C 158 19.13 -1.29 -7.52
CA GLY C 158 18.16 -1.94 -6.64
C GLY C 158 17.02 -2.62 -7.36
N ILE C 159 16.65 -2.14 -8.54
CA ILE C 159 15.55 -2.73 -9.30
C ILE C 159 16.00 -4.09 -9.81
N SER C 160 15.37 -5.16 -9.30
CA SER C 160 15.73 -6.51 -9.73
C SER C 160 15.35 -6.71 -11.19
N ILE C 161 16.32 -7.13 -12.00
CA ILE C 161 16.12 -7.31 -13.45
C ILE C 161 16.51 -8.74 -13.81
N ASP C 162 15.64 -9.42 -14.55
CA ASP C 162 15.91 -10.74 -15.09
C ASP C 162 16.01 -10.62 -16.61
N LEU C 163 17.18 -10.95 -17.16
CA LEU C 163 17.47 -10.77 -18.57
C LEU C 163 17.68 -12.13 -19.24
N ILE C 164 17.01 -12.33 -20.37
CA ILE C 164 17.12 -13.55 -21.15
C ILE C 164 17.69 -13.21 -22.51
N PHE C 165 18.68 -13.99 -22.95
CA PHE C 165 19.35 -13.75 -24.22
C PHE C 165 18.52 -14.30 -25.37
N ALA C 166 18.64 -13.64 -26.52
CA ALA C 166 17.96 -14.07 -27.75
C ALA C 166 18.84 -13.73 -28.94
N ARG C 167 19.07 -14.70 -29.82
CA ARG C 167 19.87 -14.53 -31.01
C ARG C 167 18.99 -14.64 -32.25
N LEU C 168 19.18 -13.74 -33.19
CA LEU C 168 18.45 -13.74 -34.45
C LEU C 168 19.39 -14.06 -35.61
N SER C 169 18.81 -14.58 -36.69
CA SER C 169 19.55 -14.85 -37.91
C SER C 169 19.72 -13.64 -38.80
N VAL C 170 18.96 -12.58 -38.58
CA VAL C 170 19.06 -11.37 -39.41
C VAL C 170 20.40 -10.69 -39.10
N PRO C 171 21.06 -10.08 -40.08
CA PRO C 171 22.41 -9.55 -39.84
C PRO C 171 22.47 -8.28 -38.99
N ARG C 172 21.37 -7.56 -38.83
CA ARG C 172 21.40 -6.30 -38.09
C ARG C 172 20.01 -6.00 -37.54
N VAL C 173 19.93 -5.74 -36.24
CA VAL C 173 18.68 -5.43 -35.56
C VAL C 173 18.63 -3.93 -35.31
N PRO C 174 17.68 -3.20 -35.88
CA PRO C 174 17.62 -1.76 -35.66
C PRO C 174 17.03 -1.43 -34.29
N ARG C 175 17.09 -0.15 -33.95
CA ARG C 175 16.53 0.36 -32.70
C ARG C 175 15.03 0.62 -32.78
N ASP C 176 14.38 0.24 -33.88
CA ASP C 176 12.93 0.31 -34.02
C ASP C 176 12.49 -0.99 -34.67
N LEU C 177 11.98 -1.93 -33.86
CA LEU C 177 11.60 -3.24 -34.36
C LEU C 177 10.46 -3.79 -33.52
N GLU C 178 9.52 -4.44 -34.20
CA GLU C 178 8.42 -5.15 -33.54
C GLU C 178 8.47 -6.62 -33.94
N LEU C 179 8.28 -7.51 -32.96
CA LEU C 179 8.37 -8.95 -33.18
C LEU C 179 7.04 -9.57 -33.56
N SER C 180 6.20 -8.85 -34.31
CA SER C 180 4.92 -9.39 -34.74
C SER C 180 5.06 -10.30 -35.95
N ASP C 181 6.12 -10.15 -36.73
CA ASP C 181 6.33 -10.97 -37.91
C ASP C 181 6.84 -12.36 -37.53
N ASN C 182 6.12 -13.39 -37.97
CA ASN C 182 6.47 -14.76 -37.64
C ASN C 182 7.70 -15.26 -38.39
N ASN C 183 8.09 -14.59 -39.47
CA ASN C 183 9.26 -15.00 -40.25
C ASN C 183 10.57 -14.60 -39.59
N LEU C 184 10.54 -13.99 -38.41
CA LEU C 184 11.76 -13.65 -37.69
C LEU C 184 12.36 -14.84 -36.96
N LEU C 185 11.58 -15.89 -36.74
CA LEU C 185 12.05 -17.10 -36.06
C LEU C 185 12.89 -17.99 -36.95
N LYS C 186 13.03 -17.67 -38.24
CA LYS C 186 13.84 -18.47 -39.14
C LYS C 186 15.31 -18.37 -38.75
N GLY C 187 16.02 -19.49 -38.83
CA GLY C 187 17.43 -19.50 -38.49
C GLY C 187 17.72 -19.26 -37.02
N VAL C 188 16.73 -19.45 -36.15
CA VAL C 188 16.89 -19.26 -34.71
C VAL C 188 16.74 -20.61 -34.03
N GLU C 189 17.66 -20.93 -33.13
CA GLU C 189 17.60 -22.19 -32.42
C GLU C 189 16.39 -22.23 -31.49
N GLU C 190 15.92 -23.44 -31.21
CA GLU C 190 14.67 -23.61 -30.47
C GLU C 190 14.77 -23.07 -29.05
N ARG C 191 15.98 -23.07 -28.46
CA ARG C 191 16.15 -22.50 -27.13
C ARG C 191 15.84 -21.00 -27.13
N CYS C 192 16.20 -20.31 -28.21
CA CYS C 192 15.92 -18.88 -28.33
C CYS C 192 14.56 -18.60 -28.96
N VAL C 193 13.95 -19.59 -29.62
CA VAL C 193 12.58 -19.44 -30.08
C VAL C 193 11.64 -19.30 -28.89
N LEU C 194 11.90 -20.06 -27.83
CA LEU C 194 11.11 -19.93 -26.61
C LEU C 194 11.37 -18.59 -25.93
N SER C 195 12.58 -18.04 -26.08
CA SER C 195 12.88 -16.74 -25.48
C SER C 195 12.01 -15.65 -26.07
N LEU C 196 12.00 -15.52 -27.40
CA LEU C 196 11.17 -14.52 -28.06
C LEU C 196 9.68 -14.74 -27.81
N ASN C 197 9.28 -15.98 -27.52
CA ASN C 197 7.86 -16.28 -27.29
C ASN C 197 7.32 -15.55 -26.06
N GLY C 198 8.17 -15.18 -25.11
CA GLY C 198 7.68 -14.46 -23.93
C GLY C 198 7.16 -13.08 -24.27
N THR C 199 7.95 -12.28 -24.98
CA THR C 199 7.53 -10.94 -25.35
C THR C 199 6.53 -10.93 -26.49
N ARG C 200 6.48 -11.99 -27.31
CA ARG C 200 5.50 -12.05 -28.39
C ARG C 200 4.08 -12.19 -27.84
N VAL C 201 3.90 -13.04 -26.83
CA VAL C 201 2.57 -13.25 -26.26
C VAL C 201 2.12 -12.01 -25.50
N THR C 202 3.05 -11.36 -24.78
CA THR C 202 2.69 -10.16 -24.04
C THR C 202 2.21 -9.04 -24.97
N ASP C 203 2.79 -8.95 -26.16
CA ASP C 203 2.37 -7.92 -27.11
C ASP C 203 1.01 -8.26 -27.73
N GLN C 204 0.78 -9.54 -28.04
CA GLN C 204 -0.50 -9.95 -28.62
C GLN C 204 -1.65 -9.67 -27.65
N ILE C 205 -1.45 -9.96 -26.37
CA ILE C 205 -2.50 -9.75 -25.38
C ILE C 205 -2.87 -8.28 -25.28
N LEU C 206 -1.87 -7.40 -25.27
CA LEU C 206 -2.14 -5.96 -25.17
C LEU C 206 -2.77 -5.41 -26.45
N GLN C 207 -2.70 -6.14 -27.56
CA GLN C 207 -3.30 -5.69 -28.81
C GLN C 207 -4.66 -6.31 -29.08
N LEU C 208 -4.96 -7.47 -28.50
CA LEU C 208 -6.23 -8.16 -28.72
C LEU C 208 -7.28 -7.80 -27.67
N VAL C 209 -7.18 -6.62 -27.06
CA VAL C 209 -8.13 -6.19 -26.04
C VAL C 209 -8.85 -4.93 -26.49
N PRO C 210 -10.15 -4.80 -26.24
CA PRO C 210 -10.85 -3.58 -26.68
C PRO C 210 -10.35 -2.32 -25.99
N ASN C 211 -10.17 -2.37 -24.66
CA ASN C 211 -9.67 -1.24 -23.90
C ASN C 211 -8.57 -1.73 -22.96
N ARG C 212 -7.36 -1.18 -23.13
CA ARG C 212 -6.23 -1.62 -22.33
C ARG C 212 -6.32 -1.14 -20.88
N ALA C 213 -7.05 -0.06 -20.63
CA ALA C 213 -7.19 0.42 -19.25
C ALA C 213 -8.03 -0.53 -18.41
N VAL C 214 -9.15 -1.01 -18.97
CA VAL C 214 -10.00 -1.96 -18.25
C VAL C 214 -9.25 -3.27 -18.02
N PHE C 215 -8.48 -3.70 -19.01
CA PHE C 215 -7.75 -4.97 -18.90
C PHE C 215 -6.73 -4.92 -17.77
N LYS C 216 -6.02 -3.81 -17.63
CA LYS C 216 -4.97 -3.72 -16.61
C LYS C 216 -5.56 -3.77 -15.21
N HIS C 217 -6.58 -2.95 -14.94
CA HIS C 217 -7.18 -2.94 -13.61
C HIS C 217 -7.80 -4.28 -13.27
N ALA C 218 -8.49 -4.90 -14.23
CA ALA C 218 -9.09 -6.20 -13.98
C ALA C 218 -8.02 -7.27 -13.74
N LEU C 219 -6.87 -7.15 -14.42
CA LEU C 219 -5.81 -8.12 -14.21
C LEU C 219 -5.18 -7.98 -12.84
N ARG C 220 -5.14 -6.76 -12.29
CA ARG C 220 -4.58 -6.57 -10.96
C ARG C 220 -5.41 -7.29 -9.90
N ALA C 221 -6.74 -7.27 -10.05
CA ALA C 221 -7.60 -7.92 -9.07
C ALA C 221 -7.53 -9.44 -9.19
N ILE C 222 -7.56 -9.96 -10.42
CA ILE C 222 -7.57 -11.40 -10.60
C ILE C 222 -6.23 -12.01 -10.19
N LYS C 223 -5.12 -11.35 -10.52
CA LYS C 223 -3.82 -11.82 -10.06
C LYS C 223 -3.74 -11.80 -8.54
N PHE C 224 -4.25 -10.74 -7.92
CA PHE C 224 -4.21 -10.64 -6.46
C PHE C 224 -5.09 -11.72 -5.82
N TRP C 225 -6.29 -11.93 -6.35
CA TRP C 225 -7.17 -12.97 -5.83
C TRP C 225 -6.54 -14.36 -5.95
N ALA C 226 -5.85 -14.61 -7.07
CA ALA C 226 -5.17 -15.88 -7.24
C ALA C 226 -4.04 -16.04 -6.21
N GLN C 227 -3.28 -14.97 -5.96
CA GLN C 227 -2.18 -15.05 -5.01
C GLN C 227 -2.69 -15.24 -3.59
N ARG C 228 -3.74 -14.52 -3.21
CA ARG C 228 -4.27 -14.63 -1.86
C ARG C 228 -4.86 -16.01 -1.58
N ARG C 229 -5.29 -16.74 -2.62
CA ARG C 229 -5.89 -18.04 -2.45
C ARG C 229 -4.98 -19.18 -2.94
N ALA C 230 -3.70 -18.88 -3.16
CA ALA C 230 -2.67 -19.90 -3.42
C ALA C 230 -2.99 -20.74 -4.65
N ILE C 231 -3.39 -20.07 -5.73
CA ILE C 231 -3.62 -20.75 -7.00
C ILE C 231 -2.91 -19.99 -8.12
N TYR C 232 -1.66 -19.61 -7.87
CA TYR C 232 -0.89 -18.81 -8.82
C TYR C 232 0.40 -19.46 -9.27
N ALA C 233 0.96 -20.40 -8.51
CA ALA C 233 2.22 -21.02 -8.89
C ALA C 233 2.03 -21.93 -10.11
N ASN C 234 2.92 -21.77 -11.10
CA ASN C 234 2.82 -22.54 -12.33
C ASN C 234 3.51 -23.89 -12.25
N VAL C 235 4.56 -24.01 -11.42
CA VAL C 235 5.36 -25.23 -11.37
C VAL C 235 4.75 -26.31 -10.48
N VAL C 236 3.59 -26.06 -9.89
CA VAL C 236 2.93 -27.04 -9.04
C VAL C 236 1.64 -27.57 -9.64
N GLY C 237 1.04 -26.88 -10.61
CA GLY C 237 -0.16 -27.36 -11.26
C GLY C 237 -1.20 -26.29 -11.47
N PHE C 238 -0.95 -25.09 -10.94
CA PHE C 238 -1.89 -23.99 -11.10
C PHE C 238 -1.45 -23.04 -12.19
N PRO C 239 -2.37 -22.30 -12.82
CA PRO C 239 -1.98 -21.45 -13.94
C PRO C 239 -1.07 -20.31 -13.51
N GLY C 240 -0.20 -19.90 -14.43
CA GLY C 240 0.78 -18.86 -14.18
C GLY C 240 0.25 -17.47 -14.49
N GLY C 241 1.15 -16.50 -14.37
CA GLY C 241 0.76 -15.12 -14.61
C GLY C 241 0.30 -14.87 -16.03
N VAL C 242 1.07 -15.38 -17.00
CA VAL C 242 0.66 -15.27 -18.39
C VAL C 242 -0.66 -15.97 -18.62
N ALA C 243 -0.87 -17.10 -17.93
CA ALA C 243 -2.12 -17.84 -18.06
C ALA C 243 -3.29 -17.02 -17.54
N TRP C 244 -3.15 -16.45 -16.34
CA TRP C 244 -4.21 -15.60 -15.80
C TRP C 244 -4.43 -14.36 -16.65
N ALA C 245 -3.37 -13.81 -17.23
CA ALA C 245 -3.52 -12.65 -18.10
C ALA C 245 -4.32 -12.99 -19.36
N MET C 246 -4.16 -14.22 -19.87
CA MET C 246 -4.91 -14.61 -21.06
C MET C 246 -6.39 -14.81 -20.75
N MET C 247 -6.69 -15.37 -19.58
CA MET C 247 -8.10 -15.60 -19.23
C MET C 247 -8.84 -14.29 -18.99
N VAL C 248 -8.18 -13.31 -18.34
CA VAL C 248 -8.82 -12.02 -18.16
C VAL C 248 -8.89 -11.24 -19.46
N ALA C 249 -8.00 -11.53 -20.42
CA ALA C 249 -8.09 -10.89 -21.72
C ALA C 249 -9.26 -11.45 -22.52
N ARG C 250 -9.53 -12.75 -22.38
CA ARG C 250 -10.67 -13.35 -23.05
C ARG C 250 -11.99 -12.78 -22.54
N ILE C 251 -12.06 -12.45 -21.24
CA ILE C 251 -13.28 -11.85 -20.70
C ILE C 251 -13.43 -10.42 -21.18
N CYS C 252 -12.32 -9.70 -21.37
CA CYS C 252 -12.40 -8.34 -21.88
C CYS C 252 -12.89 -8.33 -23.33
N GLN C 253 -12.66 -9.41 -24.07
CA GLN C 253 -13.16 -9.49 -25.45
C GLN C 253 -14.67 -9.70 -25.48
N LEU C 254 -15.22 -10.43 -24.50
CA LEU C 254 -16.65 -10.67 -24.44
C LEU C 254 -17.43 -9.46 -23.94
N TYR C 255 -16.77 -8.53 -23.26
CA TYR C 255 -17.41 -7.30 -22.77
C TYR C 255 -16.52 -6.12 -23.16
N PRO C 256 -16.68 -5.58 -24.37
CA PRO C 256 -15.79 -4.49 -24.79
C PRO C 256 -16.04 -3.19 -24.05
N ASN C 257 -17.29 -2.80 -23.88
CA ASN C 257 -17.64 -1.50 -23.31
C ASN C 257 -17.86 -1.55 -21.80
N ALA C 258 -17.41 -2.60 -21.13
CA ALA C 258 -17.57 -2.73 -19.70
C ALA C 258 -16.34 -2.18 -18.97
N VAL C 259 -16.50 -1.97 -17.66
CA VAL C 259 -15.40 -1.51 -16.81
C VAL C 259 -14.76 -2.71 -16.15
N SER C 260 -13.74 -2.46 -15.32
CA SER C 260 -13.01 -3.55 -14.70
C SER C 260 -13.84 -4.26 -13.64
N SER C 261 -14.72 -3.54 -12.94
CA SER C 261 -15.58 -4.18 -11.95
C SER C 261 -16.56 -5.15 -12.59
N VAL C 262 -17.01 -4.84 -13.81
CA VAL C 262 -17.89 -5.77 -14.52
C VAL C 262 -17.10 -6.96 -15.03
N ILE C 263 -15.87 -6.74 -15.48
CA ILE C 263 -15.03 -7.84 -15.97
C ILE C 263 -14.75 -8.82 -14.84
N VAL C 264 -14.32 -8.32 -13.69
CA VAL C 264 -13.98 -9.19 -12.57
C VAL C 264 -15.22 -9.91 -12.05
N ALA C 265 -16.37 -9.23 -12.07
CA ALA C 265 -17.58 -9.83 -11.54
C ALA C 265 -18.01 -11.04 -12.35
N LYS C 266 -18.07 -10.89 -13.68
CA LYS C 266 -18.48 -11.98 -14.56
C LYS C 266 -17.31 -12.87 -14.97
N PHE C 267 -16.11 -12.63 -14.44
CA PHE C 267 -14.96 -13.45 -14.80
C PHE C 267 -15.12 -14.89 -14.29
N PHE C 268 -15.53 -15.04 -13.03
CA PHE C 268 -15.59 -16.37 -12.43
C PHE C 268 -16.75 -17.18 -13.01
N ARG C 269 -17.91 -16.54 -13.21
CA ARG C 269 -19.08 -17.26 -13.70
C ARG C 269 -18.84 -17.88 -15.07
N ILE C 270 -18.04 -17.22 -15.92
CA ILE C 270 -17.82 -17.72 -17.27
C ILE C 270 -16.85 -18.91 -17.25
N LEU C 271 -15.84 -18.86 -16.39
CA LEU C 271 -14.78 -19.87 -16.41
C LEU C 271 -15.12 -21.13 -15.63
N HIS C 272 -15.82 -21.02 -14.50
CA HIS C 272 -16.19 -22.22 -13.76
C HIS C 272 -17.36 -22.96 -14.41
N GLN C 273 -18.15 -22.27 -15.24
CA GLN C 273 -19.15 -22.91 -16.08
C GLN C 273 -18.67 -23.11 -17.51
N TRP C 274 -17.40 -22.81 -17.78
CA TRP C 274 -16.86 -22.99 -19.12
C TRP C 274 -16.87 -24.47 -19.50
N ASN C 275 -17.05 -24.73 -20.81
CA ASN C 275 -17.11 -26.09 -21.33
C ASN C 275 -15.69 -26.63 -21.51
N TRP C 276 -15.06 -26.96 -20.38
CA TRP C 276 -13.74 -27.56 -20.42
C TRP C 276 -13.84 -28.99 -20.93
N PRO C 277 -12.80 -29.51 -21.61
CA PRO C 277 -11.51 -28.85 -21.88
C PRO C 277 -11.45 -28.11 -23.22
N GLN C 278 -12.38 -27.20 -23.49
CA GLN C 278 -12.22 -26.41 -24.71
C GLN C 278 -11.25 -25.25 -24.44
N PRO C 279 -10.39 -24.93 -25.40
CA PRO C 279 -9.34 -23.94 -25.15
C PRO C 279 -9.87 -22.51 -25.16
N ILE C 280 -9.20 -21.66 -24.40
CA ILE C 280 -9.42 -20.22 -24.46
C ILE C 280 -8.50 -19.66 -25.54
N LEU C 281 -9.09 -18.95 -26.49
CA LEU C 281 -8.35 -18.40 -27.62
C LEU C 281 -8.66 -16.91 -27.75
N LEU C 282 -7.61 -16.10 -27.83
CA LEU C 282 -7.76 -14.68 -28.10
C LEU C 282 -7.77 -14.36 -29.58
N LYS C 283 -7.44 -15.33 -30.42
CA LYS C 283 -7.41 -15.18 -31.87
C LYS C 283 -7.33 -16.57 -32.49
N PRO C 284 -7.70 -16.71 -33.77
CA PRO C 284 -7.57 -18.02 -34.42
C PRO C 284 -6.11 -18.46 -34.49
N ILE C 285 -5.91 -19.76 -34.28
CA ILE C 285 -4.56 -20.32 -34.23
C ILE C 285 -3.94 -20.22 -35.62
N GLU C 286 -2.93 -19.36 -35.75
CA GLU C 286 -2.29 -19.12 -37.03
C GLU C 286 -1.13 -20.08 -37.26
N ASP C 287 -0.94 -20.46 -38.51
CA ASP C 287 0.17 -21.31 -38.91
C ASP C 287 1.38 -20.46 -39.29
N GLY C 288 2.57 -21.05 -39.17
CA GLY C 288 3.79 -20.33 -39.39
C GLY C 288 4.77 -21.04 -40.30
N PRO C 289 5.98 -20.48 -40.43
CA PRO C 289 6.98 -21.05 -41.35
C PRO C 289 7.54 -22.38 -40.86
N LEU C 290 8.32 -22.34 -39.78
CA LEU C 290 9.00 -23.54 -39.28
C LEU C 290 7.99 -24.58 -38.84
N GLN C 291 8.08 -25.78 -39.43
CA GLN C 291 7.15 -26.86 -39.13
C GLN C 291 7.51 -27.46 -37.78
N VAL C 292 6.62 -27.29 -36.81
CA VAL C 292 6.81 -27.81 -35.46
C VAL C 292 5.45 -27.99 -34.81
N ARG C 293 5.41 -28.60 -33.63
CA ARG C 293 4.15 -28.85 -32.94
C ARG C 293 3.43 -27.57 -32.55
N ILE C 294 2.39 -27.21 -33.31
CA ILE C 294 1.44 -26.21 -32.89
C ILE C 294 0.30 -26.92 -32.19
N TRP C 295 -0.23 -26.32 -31.13
CA TRP C 295 -1.21 -26.98 -30.28
C TRP C 295 -2.43 -27.42 -31.08
N ASN C 296 -2.70 -28.73 -31.07
CA ASN C 296 -3.85 -29.30 -31.75
C ASN C 296 -4.35 -30.50 -30.96
N PRO C 297 -5.57 -30.45 -30.40
CA PRO C 297 -6.04 -31.56 -29.57
C PRO C 297 -6.50 -32.78 -30.36
N LYS C 298 -6.84 -32.62 -31.64
CA LYS C 298 -7.30 -33.76 -32.43
C LYS C 298 -6.15 -34.53 -33.09
N LEU C 299 -5.01 -33.89 -33.32
CA LEU C 299 -3.88 -34.58 -33.91
C LEU C 299 -3.08 -35.33 -32.86
N TYR C 300 -2.52 -34.61 -31.89
CA TYR C 300 -1.65 -35.21 -30.88
C TYR C 300 -2.44 -35.57 -29.64
N PRO C 301 -2.40 -36.82 -29.19
CA PRO C 301 -3.15 -37.18 -27.97
C PRO C 301 -2.63 -36.51 -26.72
N SER C 302 -1.33 -36.18 -26.66
CA SER C 302 -0.78 -35.53 -25.48
C SER C 302 -1.39 -34.16 -25.27
N ASP C 303 -1.61 -33.41 -26.35
CA ASP C 303 -2.26 -32.11 -26.25
C ASP C 303 -3.75 -32.25 -25.92
N LYS C 304 -4.34 -33.42 -26.17
CA LYS C 304 -5.72 -33.66 -25.74
C LYS C 304 -5.80 -33.86 -24.23
N ALA C 305 -4.73 -34.31 -23.62
CA ALA C 305 -4.70 -34.58 -22.18
C ALA C 305 -4.65 -33.31 -21.34
N HIS C 306 -4.69 -32.13 -21.94
CA HIS C 306 -4.66 -30.88 -21.19
C HIS C 306 -6.04 -30.62 -20.60
N ARG C 307 -6.09 -30.46 -19.28
CA ARG C 307 -7.38 -30.34 -18.58
C ARG C 307 -8.04 -29.01 -18.85
N MET C 308 -7.31 -27.91 -18.66
CA MET C 308 -7.81 -26.56 -18.86
C MET C 308 -6.87 -25.83 -19.81
N PRO C 309 -7.03 -26.04 -21.13
CA PRO C 309 -6.07 -25.46 -22.09
C PRO C 309 -6.28 -23.97 -22.26
N ILE C 310 -5.21 -23.21 -22.01
CA ILE C 310 -5.18 -21.77 -22.28
C ILE C 310 -4.04 -21.56 -23.28
N ILE C 311 -4.39 -21.38 -24.55
CA ILE C 311 -3.42 -21.39 -25.63
C ILE C 311 -2.94 -19.97 -25.90
N THR C 312 -1.62 -19.81 -26.04
CA THR C 312 -1.06 -18.50 -26.33
C THR C 312 -1.42 -18.07 -27.74
N PRO C 313 -1.70 -16.79 -27.97
CA PRO C 313 -2.09 -16.33 -29.31
C PRO C 313 -0.92 -16.11 -30.26
N ALA C 314 0.32 -16.24 -29.80
CA ALA C 314 1.49 -15.98 -30.63
C ALA C 314 2.07 -17.28 -31.16
N TYR C 315 2.46 -17.28 -32.44
CA TYR C 315 3.05 -18.46 -33.03
C TYR C 315 4.48 -18.65 -32.51
N PRO C 316 4.87 -19.89 -32.18
CA PRO C 316 4.03 -21.08 -32.21
C PRO C 316 3.08 -21.17 -31.02
N SER C 317 1.77 -21.22 -31.31
CA SER C 317 0.77 -21.28 -30.26
C SER C 317 0.94 -22.55 -29.43
N MET C 318 0.93 -22.39 -28.12
CA MET C 318 1.12 -23.50 -27.19
C MET C 318 0.24 -23.29 -25.97
N CYS C 319 0.02 -24.37 -25.24
CA CYS C 319 -0.78 -24.35 -24.02
C CYS C 319 0.12 -24.07 -22.82
N ALA C 320 -0.13 -22.96 -22.13
CA ALA C 320 0.66 -22.61 -20.96
C ALA C 320 0.19 -23.33 -19.70
N THR C 321 -1.05 -23.83 -19.68
CA THR C 321 -1.61 -24.54 -18.54
C THR C 321 -1.58 -26.04 -18.74
N HIS C 322 -0.51 -26.57 -19.31
CA HIS C 322 -0.39 -28.01 -19.52
C HIS C 322 -0.07 -28.75 -18.23
N ASN C 323 0.49 -28.08 -17.24
CA ASN C 323 0.82 -28.71 -15.96
C ASN C 323 -0.39 -28.92 -15.06
N ILE C 324 -1.58 -28.49 -15.48
CA ILE C 324 -2.76 -28.65 -14.66
C ILE C 324 -3.13 -30.12 -14.57
N THR C 325 -3.33 -30.61 -13.35
CA THR C 325 -3.74 -31.97 -13.10
C THR C 325 -5.24 -32.03 -12.84
N LEU C 326 -5.74 -33.22 -12.50
CA LEU C 326 -7.15 -33.34 -12.13
C LEU C 326 -7.43 -32.66 -10.80
N SER C 327 -6.50 -32.79 -9.84
CA SER C 327 -6.71 -32.18 -8.53
C SER C 327 -6.70 -30.66 -8.62
N THR C 328 -5.70 -30.09 -9.30
CA THR C 328 -5.63 -28.64 -9.42
C THR C 328 -6.82 -28.10 -10.20
N GLN C 329 -7.33 -28.85 -11.19
CA GLN C 329 -8.50 -28.40 -11.91
C GLN C 329 -9.70 -28.25 -10.99
N THR C 330 -9.91 -29.22 -10.09
CA THR C 330 -11.02 -29.13 -9.15
C THR C 330 -10.82 -27.96 -8.18
N ILE C 331 -9.59 -27.74 -7.73
CA ILE C 331 -9.32 -26.63 -6.81
C ILE C 331 -9.60 -25.29 -7.49
N ILE C 332 -9.22 -25.16 -8.76
CA ILE C 332 -9.47 -23.92 -9.48
C ILE C 332 -10.96 -23.68 -9.64
N LEU C 333 -11.72 -24.73 -9.96
CA LEU C 333 -13.16 -24.58 -10.15
C LEU C 333 -13.85 -24.25 -8.82
N ARG C 334 -13.42 -24.88 -7.73
CA ARG C 334 -14.02 -24.59 -6.43
C ARG C 334 -13.77 -23.14 -6.03
N GLU C 335 -12.56 -22.64 -6.26
CA GLU C 335 -12.28 -21.24 -5.95
C GLU C 335 -13.06 -20.30 -6.85
N MET C 336 -13.13 -20.63 -8.15
CA MET C 336 -13.93 -19.81 -9.07
C MET C 336 -15.41 -19.84 -8.70
N VAL C 337 -15.89 -20.96 -8.14
CA VAL C 337 -17.26 -20.99 -7.63
C VAL C 337 -17.39 -20.06 -6.42
N ARG C 338 -16.47 -20.18 -5.46
CA ARG C 338 -16.52 -19.34 -4.27
C ARG C 338 -16.35 -17.88 -4.63
N ALA C 339 -15.40 -17.56 -5.52
CA ALA C 339 -15.18 -16.18 -5.90
C ALA C 339 -16.34 -15.61 -6.72
N GLY C 340 -17.02 -16.46 -7.49
CA GLY C 340 -18.18 -15.99 -8.23
C GLY C 340 -19.31 -15.55 -7.34
N GLU C 341 -19.58 -16.32 -6.27
CA GLU C 341 -20.65 -15.98 -5.36
C GLU C 341 -20.32 -14.72 -4.55
N ILE C 342 -19.05 -14.51 -4.24
CA ILE C 342 -18.65 -13.30 -3.52
C ILE C 342 -18.82 -12.08 -4.41
N ALA C 343 -18.40 -12.17 -5.67
CA ALA C 343 -18.56 -11.05 -6.60
C ALA C 343 -20.03 -10.73 -6.84
N ASP C 344 -20.89 -11.75 -6.84
CA ASP C 344 -22.32 -11.51 -7.04
C ASP C 344 -22.92 -10.70 -5.90
N GLN C 345 -22.34 -10.80 -4.70
CA GLN C 345 -22.79 -9.97 -3.58
C GLN C 345 -22.08 -8.64 -3.51
N ILE C 346 -20.89 -8.52 -4.10
CA ILE C 346 -20.22 -7.23 -4.19
C ILE C 346 -20.99 -6.31 -5.13
N MET C 347 -21.54 -6.87 -6.21
CA MET C 347 -22.26 -6.06 -7.20
C MET C 347 -23.58 -5.53 -6.67
N VAL C 348 -24.13 -6.13 -5.62
CA VAL C 348 -25.34 -5.62 -4.98
C VAL C 348 -25.00 -4.87 -3.69
N LYS C 349 -23.74 -4.50 -3.50
CA LYS C 349 -23.27 -3.76 -2.33
C LYS C 349 -23.53 -4.50 -1.03
N ALA C 350 -23.68 -5.83 -1.08
CA ALA C 350 -23.85 -6.65 0.11
C ALA C 350 -22.53 -7.11 0.69
N LEU C 351 -21.42 -6.91 -0.01
CA LEU C 351 -20.09 -7.26 0.48
C LEU C 351 -19.10 -6.26 -0.08
N PRO C 352 -18.03 -5.96 0.65
CA PRO C 352 -17.00 -5.07 0.12
C PRO C 352 -16.05 -5.81 -0.82
N TRP C 353 -15.28 -5.03 -1.58
CA TRP C 353 -14.26 -5.63 -2.43
C TRP C 353 -13.18 -6.34 -1.62
N SER C 354 -13.05 -6.01 -0.33
CA SER C 354 -12.04 -6.65 0.51
C SER C 354 -12.37 -8.11 0.80
N ALA C 355 -13.63 -8.51 0.62
CA ALA C 355 -14.00 -9.90 0.85
C ALA C 355 -13.53 -10.82 -0.26
N LEU C 356 -13.28 -10.28 -1.47
CA LEU C 356 -12.86 -11.11 -2.59
C LEU C 356 -11.42 -11.57 -2.44
N PHE C 357 -10.56 -10.72 -1.88
CA PHE C 357 -9.15 -11.03 -1.72
C PHE C 357 -8.83 -11.66 -0.37
N GLN C 358 -9.76 -12.40 0.21
CA GLN C 358 -9.54 -13.04 1.50
C GLN C 358 -8.53 -14.17 1.36
N LYS C 359 -7.70 -14.35 2.38
CA LYS C 359 -6.65 -15.35 2.34
C LYS C 359 -7.23 -16.75 2.29
N HIS C 360 -6.43 -17.70 1.81
CA HIS C 360 -6.85 -19.08 1.64
C HIS C 360 -7.05 -19.75 3.00
N ASP C 361 -7.39 -21.03 2.95
CA ASP C 361 -7.61 -21.85 4.15
C ASP C 361 -7.09 -23.26 3.90
N PHE C 362 -5.88 -23.37 3.36
CA PHE C 362 -5.33 -24.66 2.99
C PHE C 362 -5.19 -25.58 4.19
N PHE C 363 -4.64 -25.06 5.29
CA PHE C 363 -4.39 -25.87 6.47
C PHE C 363 -5.64 -26.09 7.33
N HIS C 364 -6.82 -25.81 6.79
CA HIS C 364 -8.08 -26.09 7.48
C HIS C 364 -9.05 -26.94 6.67
N ARG C 365 -8.79 -27.18 5.39
CA ARG C 365 -9.72 -27.89 4.53
C ARG C 365 -9.55 -29.41 4.57
N TYR C 366 -8.36 -29.90 4.91
CA TYR C 366 -8.05 -31.31 4.77
C TYR C 366 -7.70 -31.93 6.13
N LYS C 367 -8.08 -33.21 6.28
CA LYS C 367 -7.79 -33.96 7.50
C LYS C 367 -6.40 -34.59 7.49
N HIS C 368 -5.78 -34.75 6.31
CA HIS C 368 -4.47 -35.37 6.21
C HIS C 368 -3.64 -34.60 5.20
N TYR C 369 -2.34 -34.49 5.47
CA TYR C 369 -1.41 -33.76 4.63
C TYR C 369 -0.17 -34.60 4.37
N LEU C 370 0.63 -34.16 3.40
CA LEU C 370 1.83 -34.88 2.98
C LEU C 370 3.02 -33.92 3.11
N THR C 371 3.88 -34.19 4.09
CA THR C 371 5.03 -33.32 4.37
C THR C 371 6.18 -33.68 3.45
N ILE C 372 6.48 -32.81 2.49
CA ILE C 372 7.54 -33.04 1.50
C ILE C 372 8.69 -32.12 1.88
N THR C 373 9.72 -32.68 2.51
CA THR C 373 10.87 -31.91 2.97
C THR C 373 12.12 -32.25 2.17
N ALA C 374 12.96 -31.24 1.97
CA ALA C 374 14.24 -31.40 1.28
C ALA C 374 15.33 -30.75 2.12
N ALA C 375 16.38 -31.51 2.41
CA ALA C 375 17.46 -31.05 3.28
C ALA C 375 18.79 -31.09 2.54
N ALA C 376 19.69 -30.18 2.93
CA ALA C 376 21.03 -30.12 2.37
C ALA C 376 21.97 -29.55 3.41
N LYS C 377 23.26 -29.87 3.26
CA LYS C 377 24.26 -29.44 4.23
C LYS C 377 24.62 -27.97 4.06
N THR C 378 24.99 -27.57 2.86
CA THR C 378 25.33 -26.18 2.59
C THR C 378 24.09 -25.38 2.22
N ALA C 379 24.19 -24.05 2.40
CA ALA C 379 23.07 -23.17 2.11
C ALA C 379 22.87 -22.97 0.60
N GLU C 380 23.97 -22.92 -0.15
CA GLU C 380 23.86 -22.70 -1.59
C GLU C 380 23.24 -23.91 -2.29
N ALA C 381 23.68 -25.11 -1.92
CA ALA C 381 23.14 -26.31 -2.54
C ALA C 381 21.71 -26.60 -2.08
N GLN C 382 21.25 -25.96 -1.01
CA GLN C 382 19.89 -26.17 -0.55
C GLN C 382 18.88 -25.49 -1.48
N LEU C 383 19.20 -24.29 -1.97
CA LEU C 383 18.28 -23.61 -2.88
C LEU C 383 18.18 -24.32 -4.21
N LYS C 384 19.30 -24.86 -4.71
CA LYS C 384 19.25 -25.65 -5.94
C LYS C 384 18.46 -26.93 -5.74
N TRP C 385 18.67 -27.60 -4.61
CA TRP C 385 18.02 -28.90 -4.38
C TRP C 385 16.54 -28.72 -4.08
N ALA C 386 16.18 -27.73 -3.25
CA ALA C 386 14.77 -27.51 -2.94
C ALA C 386 13.98 -27.07 -4.17
N GLY C 387 14.63 -26.37 -5.10
CA GLY C 387 13.95 -25.98 -6.31
C GLY C 387 13.60 -27.16 -7.20
N LEU C 388 14.43 -28.19 -7.20
CA LEU C 388 14.15 -29.37 -8.01
C LEU C 388 13.03 -30.21 -7.40
N VAL C 389 13.03 -30.37 -6.08
CA VAL C 389 12.02 -31.19 -5.43
C VAL C 389 10.63 -30.61 -5.66
N GLU C 390 10.50 -29.29 -5.56
CA GLU C 390 9.20 -28.65 -5.80
C GLU C 390 8.80 -28.78 -7.26
N SER C 391 9.77 -28.69 -8.18
CA SER C 391 9.45 -28.78 -9.60
C SER C 391 8.96 -30.17 -9.96
N LYS C 392 9.51 -31.21 -9.34
CA LYS C 392 9.08 -32.57 -9.56
C LYS C 392 7.90 -32.97 -8.69
N LEU C 393 7.37 -32.04 -7.88
CA LEU C 393 6.22 -32.35 -7.03
C LEU C 393 4.94 -32.53 -7.84
N ARG C 394 4.89 -31.95 -9.05
CA ARG C 394 3.72 -32.16 -9.91
C ARG C 394 3.54 -33.63 -10.24
N HIS C 395 4.63 -34.33 -10.53
CA HIS C 395 4.54 -35.75 -10.86
C HIS C 395 4.14 -36.59 -9.66
N LEU C 396 4.24 -36.05 -8.45
CA LEU C 396 3.83 -36.80 -7.26
C LEU C 396 2.32 -36.77 -7.08
N VAL C 397 1.68 -35.63 -7.31
CA VAL C 397 0.23 -35.56 -7.16
C VAL C 397 -0.47 -36.36 -8.25
N THR C 398 0.14 -36.47 -9.43
CA THR C 398 -0.45 -37.28 -10.49
C THR C 398 -0.44 -38.75 -10.13
N ARG C 399 0.69 -39.25 -9.63
CA ARG C 399 0.76 -40.63 -9.18
C ARG C 399 -0.14 -40.87 -7.96
N LEU C 400 -0.33 -39.84 -7.13
CA LEU C 400 -1.27 -39.96 -6.03
C LEU C 400 -2.71 -40.00 -6.52
N GLU C 401 -2.97 -39.43 -7.70
CA GLU C 401 -4.32 -39.48 -8.26
C GLU C 401 -4.71 -40.88 -8.71
N LEU C 402 -3.75 -41.77 -8.95
CA LEU C 402 -4.09 -43.09 -9.46
C LEU C 402 -4.62 -43.99 -8.36
N VAL C 403 -4.21 -43.75 -7.11
CA VAL C 403 -4.87 -44.36 -5.96
C VAL C 403 -6.18 -43.60 -5.77
N ASP C 404 -7.29 -44.15 -6.25
CA ASP C 404 -8.58 -43.49 -6.11
C ASP C 404 -9.37 -44.02 -4.93
N ALA C 405 -8.65 -44.25 -3.83
CA ALA C 405 -9.19 -44.03 -2.50
C ALA C 405 -8.89 -42.62 -2.03
N ILE C 406 -8.08 -41.88 -2.76
CA ILE C 406 -7.57 -40.57 -2.35
C ILE C 406 -8.38 -39.43 -2.98
N ALA C 407 -8.77 -39.57 -4.25
CA ALA C 407 -9.68 -38.65 -4.93
C ALA C 407 -9.10 -37.26 -5.20
N LEU C 408 -8.16 -36.79 -4.40
CA LEU C 408 -7.64 -35.44 -4.60
C LEU C 408 -6.28 -35.29 -3.94
N ALA C 409 -5.41 -34.50 -4.57
CA ALA C 409 -4.07 -34.22 -4.05
C ALA C 409 -3.80 -32.74 -4.28
N HIS C 410 -4.04 -31.92 -3.25
CA HIS C 410 -3.92 -30.47 -3.36
C HIS C 410 -2.49 -30.05 -3.04
N PRO C 411 -1.70 -29.58 -4.01
CA PRO C 411 -0.36 -29.11 -3.69
C PRO C 411 -0.38 -27.67 -3.21
N PHE C 412 0.51 -27.35 -2.28
CA PHE C 412 0.58 -26.02 -1.72
C PHE C 412 1.60 -25.17 -2.48
N ASN C 413 1.37 -23.86 -2.45
CA ASN C 413 2.16 -22.90 -3.23
C ASN C 413 3.57 -22.71 -2.67
N LYS C 414 3.69 -22.01 -1.55
CA LYS C 414 4.98 -21.59 -1.03
C LYS C 414 5.71 -22.77 -0.39
N GLY C 415 6.83 -22.46 0.28
CA GLY C 415 7.59 -23.45 1.00
C GLY C 415 8.17 -22.88 2.28
N PHE C 416 8.21 -23.70 3.34
CA PHE C 416 8.65 -23.26 4.66
C PHE C 416 10.10 -23.69 4.86
N ASP C 417 10.99 -22.71 5.02
CA ASP C 417 12.42 -22.95 5.19
C ASP C 417 12.76 -22.95 6.67
N LYS C 418 13.32 -24.06 7.15
CA LYS C 418 13.69 -24.22 8.55
C LYS C 418 15.17 -24.55 8.65
N VAL C 419 15.82 -24.05 9.70
CA VAL C 419 17.25 -24.23 9.92
C VAL C 419 17.44 -24.99 11.22
N TYR C 420 18.17 -26.10 11.15
CA TYR C 420 18.53 -26.91 12.30
C TYR C 420 20.03 -26.78 12.52
N ASN C 421 20.43 -26.32 13.71
CA ASN C 421 21.83 -26.35 14.13
C ASN C 421 21.98 -27.53 15.08
N CYS C 422 22.65 -28.59 14.62
CA CYS C 422 22.70 -29.85 15.34
C CYS C 422 23.87 -29.86 16.33
N SER C 423 23.82 -30.84 17.22
CA SER C 423 24.87 -31.04 18.22
C SER C 423 25.93 -32.03 17.74
N SER C 424 25.50 -33.17 17.19
CA SER C 424 26.41 -34.22 16.75
C SER C 424 26.02 -34.68 15.35
N GLU C 425 26.85 -35.55 14.78
CA GLU C 425 26.55 -36.11 13.47
C GLU C 425 25.33 -37.02 13.51
N GLU C 426 25.06 -37.64 14.65
CA GLU C 426 23.92 -38.55 14.78
C GLU C 426 22.61 -37.80 14.60
N GLU C 427 22.42 -36.72 15.37
CA GLU C 427 21.18 -35.95 15.26
C GLU C 427 21.04 -35.27 13.91
N ALA C 428 22.18 -34.99 13.24
CA ALA C 428 22.10 -34.41 11.90
C ALA C 428 21.66 -35.45 10.87
N GLN C 429 22.05 -36.72 11.05
CA GLN C 429 21.58 -37.78 10.18
C GLN C 429 20.14 -38.16 10.46
N GLN C 430 19.67 -37.99 11.70
CA GLN C 430 18.28 -38.28 12.02
C GLN C 430 17.36 -37.17 11.57
N VAL C 431 17.78 -35.91 11.76
CA VAL C 431 16.99 -34.78 11.25
C VAL C 431 16.89 -34.85 9.73
N ALA C 432 17.97 -35.26 9.07
CA ALA C 432 17.94 -35.45 7.63
C ALA C 432 16.99 -36.57 7.22
N SER C 433 16.61 -37.43 8.15
CA SER C 433 15.66 -38.51 7.89
C SER C 433 14.30 -38.15 8.50
N GLY C 434 13.39 -39.12 8.53
CA GLY C 434 12.04 -38.90 9.00
C GLY C 434 11.90 -38.62 10.49
N VAL C 435 12.98 -38.71 11.26
CA VAL C 435 12.93 -38.46 12.70
C VAL C 435 13.16 -36.98 12.95
N THR C 436 12.34 -36.39 13.83
CA THR C 436 12.45 -34.98 14.18
C THR C 436 12.10 -34.84 15.67
N LEU C 437 13.12 -34.70 16.51
CA LEU C 437 12.92 -34.50 17.93
C LEU C 437 12.92 -33.01 18.25
N GLU C 438 12.94 -32.68 19.54
CA GLU C 438 12.91 -31.28 19.99
C GLU C 438 14.30 -30.67 19.77
N VAL C 439 14.54 -30.25 18.52
CA VAL C 439 15.78 -29.60 18.13
C VAL C 439 15.44 -28.19 17.68
N ALA C 440 16.45 -27.33 17.68
CA ALA C 440 16.27 -25.95 17.26
C ALA C 440 15.79 -25.89 15.81
N TYR C 441 14.86 -24.96 15.54
CA TYR C 441 14.24 -24.83 14.22
C TYR C 441 14.19 -23.34 13.84
N GLU C 442 15.35 -22.79 13.51
CA GLU C 442 15.42 -21.40 13.07
C GLU C 442 14.68 -21.23 11.75
N SER C 443 13.85 -20.19 11.67
CA SER C 443 13.05 -19.91 10.50
C SER C 443 13.78 -18.89 9.63
N THR C 444 14.08 -19.27 8.39
CA THR C 444 14.76 -18.40 7.43
C THR C 444 13.97 -18.40 6.12
N ASP C 445 14.43 -17.60 5.17
CA ASP C 445 13.78 -17.46 3.87
C ASP C 445 14.76 -17.59 2.71
N HIS C 446 15.97 -17.06 2.83
CA HIS C 446 16.96 -17.12 1.76
C HIS C 446 18.31 -17.48 2.38
N GLU C 447 19.37 -17.31 1.60
CA GLU C 447 20.71 -17.68 2.06
C GLU C 447 21.22 -16.71 3.12
N PHE C 477 25.60 -28.46 13.86
CA PHE C 477 25.81 -28.85 12.47
C PHE C 477 24.74 -28.26 11.55
N PRO C 478 25.13 -27.87 10.34
CA PRO C 478 24.19 -27.20 9.42
C PRO C 478 23.30 -28.20 8.70
N VAL C 479 21.99 -28.10 8.92
CA VAL C 479 20.99 -28.86 8.20
C VAL C 479 19.86 -27.91 7.87
N TYR C 480 19.74 -27.54 6.59
CA TYR C 480 18.72 -26.60 6.13
C TYR C 480 17.64 -27.36 5.39
N THR C 481 16.39 -27.14 5.79
CA THR C 481 15.25 -27.88 5.26
C THR C 481 14.23 -26.94 4.65
N THR C 482 13.57 -27.41 3.60
CA THR C 482 12.48 -26.71 2.94
C THR C 482 11.32 -27.69 2.81
N THR C 483 10.12 -27.25 3.17
CA THR C 483 8.96 -28.13 3.28
C THR C 483 7.85 -27.68 2.34
N CYS C 484 7.22 -28.66 1.68
CA CYS C 484 6.02 -28.44 0.87
C CYS C 484 4.93 -29.41 1.33
N TYR C 485 3.69 -28.94 1.31
CA TYR C 485 2.56 -29.70 1.82
C TYR C 485 1.61 -30.08 0.69
N ILE C 486 0.97 -31.24 0.83
CA ILE C 486 0.00 -31.75 -0.13
C ILE C 486 -1.22 -32.21 0.65
N GLY C 487 -2.35 -31.51 0.45
CA GLY C 487 -3.58 -31.92 1.11
C GLY C 487 -4.23 -33.08 0.38
N LEU C 488 -4.84 -33.97 1.15
CA LEU C 488 -5.49 -35.16 0.64
C LEU C 488 -6.96 -35.17 1.04
N GLU C 489 -7.84 -35.48 0.09
CA GLU C 489 -9.28 -35.50 0.30
C GLU C 489 -9.82 -36.88 -0.08
N LEU C 490 -9.51 -37.88 0.75
CA LEU C 490 -9.77 -39.27 0.40
C LEU C 490 -11.25 -39.61 0.53
N GLU C 491 -11.69 -40.55 -0.31
CA GLU C 491 -13.08 -41.00 -0.30
C GLU C 491 -13.34 -41.96 0.86
N LYS C 499 -8.73 -48.32 6.90
CA LYS C 499 -7.66 -48.44 7.87
C LYS C 499 -6.29 -48.38 7.20
N ARG C 500 -6.22 -48.90 5.97
CA ARG C 500 -4.98 -48.99 5.22
C ARG C 500 -5.01 -48.02 4.05
N LEU C 501 -3.99 -47.17 3.97
CA LEU C 501 -3.76 -46.31 2.80
C LEU C 501 -2.26 -46.30 2.55
N ASP C 502 -1.83 -47.09 1.57
CA ASP C 502 -0.41 -47.24 1.26
C ASP C 502 -0.04 -46.34 0.10
N ILE C 503 1.02 -45.55 0.28
CA ILE C 503 1.51 -44.67 -0.77
C ILE C 503 3.00 -44.92 -0.96
N SER C 504 3.44 -46.17 -0.73
CA SER C 504 4.85 -46.49 -0.86
C SER C 504 5.33 -46.37 -2.30
N TRP C 505 4.54 -46.87 -3.26
CA TRP C 505 4.92 -46.74 -4.65
C TRP C 505 4.96 -45.30 -5.13
N PRO C 506 3.99 -44.43 -4.83
CA PRO C 506 4.13 -43.02 -5.23
C PRO C 506 5.33 -42.33 -4.60
N THR C 507 5.68 -42.68 -3.36
CA THR C 507 6.80 -42.01 -2.69
C THR C 507 8.15 -42.52 -3.19
N GLN C 508 8.24 -43.82 -3.49
CA GLN C 508 9.49 -44.37 -4.03
C GLN C 508 9.77 -43.82 -5.42
N GLU C 509 8.73 -43.66 -6.24
CA GLU C 509 8.91 -43.01 -7.54
C GLU C 509 9.38 -41.57 -7.37
N PHE C 510 8.81 -40.86 -6.39
CA PHE C 510 9.20 -39.47 -6.15
C PHE C 510 10.65 -39.40 -5.64
N TYR C 511 11.04 -40.33 -4.77
CA TYR C 511 12.41 -40.36 -4.30
C TYR C 511 13.39 -40.59 -5.45
N GLU C 512 13.09 -41.57 -6.31
CA GLU C 512 13.98 -41.86 -7.43
C GLU C 512 13.97 -40.73 -8.46
N LEU C 513 12.83 -40.10 -8.67
CA LEU C 513 12.77 -38.98 -9.61
C LEU C 513 13.62 -37.81 -9.13
N CYS C 514 13.62 -37.56 -7.83
CA CYS C 514 14.42 -36.47 -7.29
C CYS C 514 15.89 -36.84 -7.20
N LYS C 515 16.19 -38.10 -6.87
CA LYS C 515 17.57 -38.53 -6.71
C LYS C 515 18.24 -38.87 -8.03
N LYS C 516 17.50 -38.97 -9.14
CA LYS C 516 18.09 -39.16 -10.44
C LYS C 516 18.42 -37.84 -11.13
N TRP C 517 18.45 -36.75 -10.37
CA TRP C 517 18.85 -35.45 -10.90
C TRP C 517 20.31 -35.50 -11.36
N ASP C 518 20.61 -34.75 -12.42
CA ASP C 518 21.97 -34.67 -12.93
C ASP C 518 22.91 -34.13 -11.86
N LYS C 519 22.59 -32.95 -11.32
CA LYS C 519 23.42 -32.31 -10.28
C LYS C 519 22.89 -32.73 -8.91
N TYR C 520 23.21 -33.96 -8.53
CA TYR C 520 22.78 -34.48 -7.24
C TYR C 520 23.83 -35.45 -6.69
N ASP C 521 23.99 -35.44 -5.37
CA ASP C 521 24.82 -36.42 -4.68
C ASP C 521 24.14 -36.80 -3.38
N ASP C 522 24.21 -38.08 -3.03
CA ASP C 522 23.62 -38.56 -1.79
C ASP C 522 24.43 -38.18 -0.55
N THR C 523 25.61 -37.59 -0.74
CA THR C 523 26.48 -37.27 0.39
C THR C 523 26.11 -35.97 1.08
N LEU C 524 25.37 -35.08 0.42
CA LEU C 524 24.96 -33.83 1.06
C LEU C 524 23.50 -33.46 0.82
N MET C 525 22.80 -34.08 -0.13
CA MET C 525 21.40 -33.81 -0.37
C MET C 525 20.56 -35.03 0.01
N ASN C 526 19.29 -34.78 0.32
CA ASN C 526 18.35 -35.84 0.64
C ASN C 526 16.93 -35.29 0.56
N VAL C 527 15.96 -36.20 0.56
CA VAL C 527 14.56 -35.84 0.50
C VAL C 527 13.75 -37.01 1.06
N PHE C 528 12.71 -36.68 1.82
CA PHE C 528 11.83 -37.70 2.38
C PHE C 528 10.42 -37.13 2.52
N ILE C 529 9.47 -38.03 2.70
CA ILE C 529 8.05 -37.68 2.79
C ILE C 529 7.48 -38.29 4.06
N LYS C 530 6.68 -37.50 4.78
CA LYS C 530 6.07 -37.95 6.02
C LYS C 530 4.56 -37.73 5.97
N ASN C 531 3.85 -38.48 6.82
CA ASN C 531 2.42 -38.33 6.99
C ASN C 531 2.14 -37.51 8.24
N THR C 532 1.29 -36.51 8.12
CA THR C 532 0.97 -35.62 9.23
C THR C 532 -0.55 -35.58 9.42
N LYS C 533 -0.99 -35.92 10.62
CA LYS C 533 -2.41 -35.81 10.94
C LYS C 533 -2.86 -34.35 10.90
N ASN C 534 -4.18 -34.15 10.95
CA ASN C 534 -4.72 -32.80 10.92
C ASN C 534 -4.29 -32.01 12.15
N THR C 535 -4.37 -32.62 13.33
CA THR C 535 -4.00 -31.97 14.58
C THR C 535 -2.50 -31.97 14.84
N ALA C 536 -1.69 -32.50 13.92
CA ALA C 536 -0.25 -32.55 14.09
C ALA C 536 0.49 -31.54 13.22
N LEU C 537 -0.23 -30.61 12.61
CA LEU C 537 0.42 -29.60 11.78
C LEU C 537 1.31 -28.70 12.63
N PRO C 538 2.54 -28.44 12.21
CA PRO C 538 3.44 -27.60 13.02
C PRO C 538 2.97 -26.16 13.06
N ASP C 539 3.36 -25.47 14.13
CA ASP C 539 2.89 -24.10 14.39
C ASP C 539 3.42 -23.08 13.39
N GLU C 540 4.30 -23.45 12.47
CA GLU C 540 4.80 -22.51 11.47
C GLU C 540 3.77 -22.20 10.38
N VAL C 541 2.68 -22.96 10.31
CA VAL C 541 1.68 -22.78 9.26
C VAL C 541 0.49 -21.97 9.72
N PHE C 542 0.48 -21.50 10.97
CA PHE C 542 -0.65 -20.78 11.53
C PHE C 542 -0.21 -19.39 11.97
N GLU C 543 -0.78 -18.36 11.34
CA GLU C 543 -0.60 -17.00 11.80
C GLU C 543 -1.21 -16.86 13.20
N PRO C 544 -0.66 -15.99 14.05
CA PRO C 544 -1.27 -15.75 15.36
C PRO C 544 -2.76 -15.42 15.23
N GLY C 545 -3.57 -16.07 16.07
CA GLY C 545 -5.00 -15.94 16.04
C GLY C 545 -5.74 -17.06 15.35
N GLU C 546 -5.04 -17.84 14.52
CA GLU C 546 -5.68 -18.94 13.82
C GLU C 546 -5.94 -20.10 14.77
N GLU C 547 -7.15 -20.63 14.74
CA GLU C 547 -7.51 -21.76 15.58
C GLU C 547 -7.04 -23.06 14.94
N ARG C 548 -6.30 -23.85 15.69
CA ARG C 548 -5.77 -25.11 15.17
C ARG C 548 -6.84 -26.18 15.15
N PRO C 549 -6.77 -27.11 14.19
CA PRO C 549 -7.76 -28.19 14.15
C PRO C 549 -7.64 -29.11 15.36
N LYS C 550 -8.78 -29.64 15.78
CA LYS C 550 -8.83 -30.51 16.96
C LYS C 550 -9.60 -31.80 16.66
N ALA C 551 -10.56 -31.73 15.75
CA ALA C 551 -11.38 -32.88 15.37
C ALA C 551 -12.06 -33.53 16.57
N TRP D 15 32.54 -32.40 8.73
CA TRP D 15 31.20 -32.63 8.22
C TRP D 15 31.13 -32.33 6.73
N LEU D 16 31.61 -31.14 6.35
CA LEU D 16 31.76 -30.83 4.93
C LEU D 16 32.83 -31.70 4.29
N SER D 17 33.91 -31.96 5.03
CA SER D 17 35.06 -32.71 4.54
C SER D 17 34.86 -34.23 4.61
N SER D 18 33.62 -34.70 4.65
CA SER D 18 33.31 -36.12 4.62
C SER D 18 32.46 -36.44 3.40
N SER D 19 32.19 -37.73 3.21
CA SER D 19 31.40 -38.20 2.08
C SER D 19 30.57 -39.41 2.53
N LYS D 20 29.72 -39.19 3.52
CA LYS D 20 28.77 -40.14 4.09
C LYS D 20 27.41 -39.97 3.44
N PRO D 21 26.66 -41.07 3.28
CA PRO D 21 25.28 -40.95 2.76
C PRO D 21 24.43 -40.11 3.69
N PHE D 22 23.88 -39.01 3.16
CA PHE D 22 23.17 -38.02 3.96
C PHE D 22 21.71 -38.44 4.08
N GLY D 23 21.34 -38.96 5.24
CA GLY D 23 19.96 -39.31 5.52
C GLY D 23 19.55 -40.64 4.94
N SER D 24 18.28 -40.99 5.20
CA SER D 24 17.70 -42.22 4.70
C SER D 24 16.21 -42.01 4.47
N SER D 25 15.63 -42.84 3.63
CA SER D 25 14.21 -42.76 3.27
C SER D 25 13.47 -44.00 3.75
N THR D 26 12.17 -43.84 3.96
CA THR D 26 11.31 -44.90 4.43
C THR D 26 9.98 -44.85 3.70
N PRO D 27 9.29 -45.99 3.55
CA PRO D 27 7.97 -45.98 2.93
C PRO D 27 6.93 -45.36 3.84
N ASN D 28 5.89 -44.79 3.23
CA ASN D 28 4.85 -44.08 3.95
C ASN D 28 3.53 -44.86 3.91
N VAL D 29 2.85 -44.89 5.05
CA VAL D 29 1.55 -45.57 5.16
C VAL D 29 0.79 -44.95 6.33
N VAL D 30 -0.48 -44.62 6.11
CA VAL D 30 -1.31 -43.98 7.12
C VAL D 30 -2.28 -45.00 7.68
N ILE D 31 -2.78 -44.71 8.88
CA ILE D 31 -3.79 -45.52 9.53
C ILE D 31 -5.03 -44.66 9.72
N GLU D 32 -6.18 -45.32 9.87
CA GLU D 32 -7.48 -44.66 9.98
C GLU D 32 -7.78 -43.81 8.74
#